data_7CAW
#
_entry.id   7CAW
#
_cell.length_a   89.599
_cell.length_b   89.599
_cell.length_c   239.766
_cell.angle_alpha   90.000
_cell.angle_beta   90.000
_cell.angle_gamma   120.000
#
_symmetry.space_group_name_H-M   'P 31 2 1'
#
loop_
_entity.id
_entity.type
_entity.pdbx_description
1 polymer '3-oxoacyl-ACP reductase FabG'
2 non-polymer GLYCEROL
3 water water
#
_entity_poly.entity_id   1
_entity_poly.type   'polypeptide(L)'
_entity_poly.pdbx_seq_one_letter_code
;MTRRILVTGSSRGIGKAIALQLAKAGFDVTVHARSRQAEAEQVVQEIQALGQNSHYLMFDVNERQTVQQILEQDVEQHGG
FYGVVLNAGLTHDGAFPALTDQDWDEVISTSLDGFYNVLKPLIMPMIHLRKGGRIVTLSSVSGIMGNRGQVNYSAAKAGL
IGATKALALELAKRKITVNCVAPGLIETEMVTDEVKEHALKMIPLQRMGQVDEVASVVKFLCSDEASYVTRQVISVNGGL
I
;
_entity_poly.pdbx_strand_id   A,B,C,D
#
# COMPACT_ATOMS: atom_id res chain seq x y z
N THR A 2 36.37 11.43 -4.83
CA THR A 2 35.70 10.55 -3.87
C THR A 2 34.36 11.11 -3.44
N ARG A 3 33.32 10.29 -3.50
CA ARG A 3 31.98 10.74 -3.19
C ARG A 3 31.77 10.79 -1.69
N ARG A 4 31.11 11.85 -1.22
CA ARG A 4 30.96 12.14 0.21
C ARG A 4 29.48 12.12 0.58
N ILE A 5 29.16 11.51 1.73
CA ILE A 5 27.79 11.35 2.19
C ILE A 5 27.66 11.92 3.60
N LEU A 6 26.65 12.76 3.80
CA LEU A 6 26.28 13.24 5.12
C LEU A 6 25.26 12.29 5.74
N VAL A 7 25.50 11.88 6.99
CA VAL A 7 24.54 11.07 7.75
C VAL A 7 24.16 11.85 9.00
N THR A 8 22.91 12.30 9.09
CA THR A 8 22.53 13.03 10.30
C THR A 8 22.33 12.05 11.45
N GLY A 9 22.59 12.55 12.67
CA GLY A 9 22.42 11.75 13.87
C GLY A 9 23.25 10.48 13.88
N SER A 10 24.54 10.60 13.51
CA SER A 10 25.38 9.44 13.28
C SER A 10 26.43 9.24 14.38
N SER A 11 26.27 9.88 15.55
CA SER A 11 27.21 9.65 16.64
C SER A 11 26.93 8.37 17.40
N ARG A 12 25.75 7.76 17.20
CA ARG A 12 25.38 6.54 17.92
C ARG A 12 24.25 5.88 17.15
N GLY A 13 23.93 4.64 17.55
CA GLY A 13 22.71 3.99 17.11
C GLY A 13 22.69 3.62 15.64
N ILE A 14 21.49 3.67 15.06
CA ILE A 14 21.32 3.36 13.65
C ILE A 14 22.16 4.29 12.78
N GLY A 15 22.21 5.58 13.13
CA GLY A 15 22.95 6.53 12.32
C GLY A 15 24.44 6.23 12.28
N LYS A 16 25.01 5.83 13.42
CA LYS A 16 26.41 5.42 13.47
C LYS A 16 26.66 4.17 12.63
N ALA A 17 25.77 3.18 12.72
CA ALA A 17 25.94 1.96 11.94
C ALA A 17 25.89 2.25 10.45
N ILE A 18 25.00 3.17 10.04
CA ILE A 18 24.95 3.60 8.64
C ILE A 18 26.28 4.24 8.24
N ALA A 19 26.75 5.20 9.04
CA ALA A 19 28.02 5.86 8.75
C ALA A 19 29.15 4.86 8.57
N LEU A 20 29.25 3.88 9.47
CA LEU A 20 30.38 2.95 9.39
C LEU A 20 30.25 2.02 8.20
N GLN A 21 29.02 1.58 7.88
CA GLN A 21 28.83 0.75 6.69
C GLN A 21 29.15 1.52 5.41
N LEU A 22 28.75 2.79 5.34
CA LEU A 22 29.02 3.57 4.13
C LEU A 22 30.52 3.79 3.95
N ALA A 23 31.26 3.97 5.05
CA ALA A 23 32.71 4.09 4.98
C ALA A 23 33.34 2.80 4.47
N LYS A 24 32.90 1.65 4.99
CA LYS A 24 33.40 0.37 4.50
C LYS A 24 33.11 0.17 3.01
N ALA A 25 32.01 0.73 2.53
CA ALA A 25 31.67 0.65 1.11
C ALA A 25 32.53 1.56 0.24
N GLY A 26 33.30 2.47 0.83
CA GLY A 26 34.20 3.31 0.06
C GLY A 26 33.81 4.77 -0.06
N PHE A 27 32.77 5.22 0.64
CA PHE A 27 32.43 6.64 0.66
C PHE A 27 33.19 7.36 1.77
N ASP A 28 33.53 8.62 1.52
CA ASP A 28 33.85 9.52 2.61
C ASP A 28 32.55 9.87 3.34
N VAL A 29 32.60 9.94 4.67
CA VAL A 29 31.38 10.09 5.46
C VAL A 29 31.58 11.24 6.46
N THR A 30 30.68 12.22 6.40
CA THR A 30 30.62 13.30 7.38
C THR A 30 29.61 12.93 8.45
N VAL A 31 30.07 12.96 9.71
CA VAL A 31 29.27 12.63 10.89
C VAL A 31 28.50 13.88 11.34
N HIS A 32 27.34 13.68 11.96
CA HIS A 32 26.59 14.79 12.54
C HIS A 32 25.98 14.39 13.87
N ALA A 33 25.92 15.34 14.79
CA ALA A 33 25.18 15.15 16.03
C ALA A 33 24.61 16.47 16.49
N ARG A 34 23.57 16.39 17.33
CA ARG A 34 22.99 17.59 17.94
C ARG A 34 23.96 18.23 18.93
N SER A 35 24.59 17.44 19.79
CA SER A 35 25.35 18.02 20.90
C SER A 35 26.49 17.15 21.41
N ARG A 36 26.43 15.84 21.18
CA ARG A 36 27.42 14.92 21.77
C ARG A 36 28.70 14.97 20.96
N GLN A 37 29.54 15.97 21.26
CA GLN A 37 30.71 16.23 20.43
C GLN A 37 31.73 15.09 20.52
N ALA A 38 32.02 14.61 21.73
CA ALA A 38 33.04 13.57 21.88
C ALA A 38 32.59 12.28 21.22
N GLU A 39 31.30 11.95 21.34
CA GLU A 39 30.75 10.79 20.66
C GLU A 39 30.90 10.91 19.15
N ALA A 40 30.62 12.10 18.61
CA ALA A 40 30.79 12.33 17.17
C ALA A 40 32.25 12.15 16.76
N GLU A 41 33.18 12.71 17.55
CA GLU A 41 34.59 12.59 17.19
C GLU A 41 35.06 11.13 17.21
N GLN A 42 34.48 10.30 18.06
CA GLN A 42 34.86 8.89 18.08
C GLN A 42 34.46 8.18 16.79
N VAL A 43 33.28 8.52 16.25
CA VAL A 43 32.85 7.92 15.00
C VAL A 43 33.73 8.42 13.85
N VAL A 44 34.08 9.71 13.87
CA VAL A 44 34.99 10.26 12.87
C VAL A 44 36.31 9.48 12.87
N GLN A 45 36.88 9.26 14.06
CA GLN A 45 38.14 8.53 14.14
C GLN A 45 38.01 7.10 13.63
N GLU A 46 36.87 6.45 13.88
CA GLU A 46 36.64 5.11 13.36
C GLU A 46 36.57 5.10 11.84
N ILE A 47 35.90 6.07 11.23
CA ILE A 47 35.85 6.15 9.77
C ILE A 47 37.23 6.37 9.20
N GLN A 48 38.04 7.18 9.88
CA GLN A 48 39.42 7.38 9.43
C GLN A 48 40.23 6.10 9.56
N ALA A 49 40.00 5.33 10.63
CA ALA A 49 40.70 4.05 10.77
C ALA A 49 40.27 3.06 9.70
N LEU A 50 39.05 3.18 9.18
CA LEU A 50 38.59 2.35 8.08
C LEU A 50 39.13 2.81 6.73
N GLY A 51 39.85 3.92 6.68
CA GLY A 51 40.51 4.34 5.47
C GLY A 51 39.79 5.38 4.64
N GLN A 52 38.81 6.09 5.20
CA GLN A 52 38.11 7.14 4.50
C GLN A 52 38.29 8.46 5.24
N ASN A 53 37.94 9.55 4.57
CA ASN A 53 38.00 10.88 5.19
C ASN A 53 36.71 11.17 5.94
N SER A 54 36.84 11.82 7.09
CA SER A 54 35.66 12.13 7.88
C SER A 54 35.93 13.37 8.71
N HIS A 55 34.85 14.11 8.99
CA HIS A 55 34.80 15.10 10.05
C HIS A 55 33.36 15.16 10.53
N TYR A 56 33.10 15.96 11.57
CA TYR A 56 31.74 16.02 12.09
C TYR A 56 31.23 17.45 12.01
N LEU A 57 29.90 17.56 11.98
CA LEU A 57 29.17 18.81 12.02
C LEU A 57 28.17 18.73 13.17
N MET A 58 28.03 19.82 13.94
CA MET A 58 27.13 19.86 15.08
C MET A 58 26.02 20.86 14.81
N PHE A 59 24.76 20.42 14.87
CA PHE A 59 23.65 21.37 14.81
C PHE A 59 22.36 20.68 15.19
N ASP A 60 21.43 21.50 15.70
CA ASP A 60 20.04 21.12 15.87
C ASP A 60 19.39 21.20 14.49
N VAL A 61 18.80 20.09 14.02
CA VAL A 61 18.21 20.11 12.68
C VAL A 61 17.03 21.07 12.58
N ASN A 62 16.47 21.50 13.71
CA ASN A 62 15.37 22.46 13.70
C ASN A 62 15.83 23.91 13.52
N GLU A 63 17.13 24.19 13.69
CA GLU A 63 17.62 25.56 13.66
C GLU A 63 17.94 25.95 12.22
N ARG A 64 16.89 26.38 11.50
CA ARG A 64 16.93 26.50 10.05
C ARG A 64 18.13 27.31 9.56
N GLN A 65 18.31 28.50 10.11
CA GLN A 65 19.36 29.40 9.61
C GLN A 65 20.74 28.88 9.95
N THR A 66 20.91 28.37 11.17
CA THR A 66 22.21 27.81 11.57
C THR A 66 22.56 26.60 10.72
N VAL A 67 21.58 25.76 10.41
CA VAL A 67 21.84 24.60 9.56
C VAL A 67 22.29 25.06 8.17
N GLN A 68 21.61 26.06 7.61
CA GLN A 68 21.96 26.55 6.28
C GLN A 68 23.38 27.09 6.26
N GLN A 69 23.74 27.90 7.25
CA GLN A 69 25.08 28.46 7.33
C GLN A 69 26.15 27.37 7.43
N ILE A 70 25.95 26.42 8.34
CA ILE A 70 26.94 25.36 8.55
C ILE A 70 27.11 24.53 7.29
N LEU A 71 26.00 24.14 6.65
CA LEU A 71 26.10 23.27 5.48
C LEU A 71 26.66 24.02 4.27
N GLU A 72 26.29 25.29 4.10
CA GLU A 72 26.84 26.03 2.98
C GLU A 72 28.35 26.24 3.14
N GLN A 73 28.79 26.51 4.37
CA GLN A 73 30.22 26.59 4.64
C GLN A 73 30.91 25.25 4.43
N ASP A 74 30.26 24.15 4.85
CA ASP A 74 30.88 22.84 4.69
C ASP A 74 31.02 22.47 3.22
N VAL A 75 30.03 22.84 2.40
CA VAL A 75 30.08 22.53 0.97
C VAL A 75 31.15 23.40 0.29
N GLU A 76 31.31 24.64 0.74
CA GLU A 76 32.36 25.49 0.21
C GLU A 76 33.75 24.92 0.50
N GLN A 77 33.96 24.38 1.70
CA GLN A 77 35.28 23.86 2.05
C GLN A 77 35.54 22.49 1.43
N HIS A 78 34.54 21.63 1.37
CA HIS A 78 34.74 20.22 1.07
C HIS A 78 33.99 19.71 -0.16
N GLY A 79 33.26 20.57 -0.86
CA GLY A 79 32.53 20.16 -2.05
C GLY A 79 31.14 19.65 -1.70
N GLY A 80 30.32 19.52 -2.73
CA GLY A 80 28.95 19.06 -2.54
C GLY A 80 28.90 17.63 -2.03
N PHE A 81 27.81 17.30 -1.36
CA PHE A 81 27.55 15.93 -0.92
C PHE A 81 26.94 15.14 -2.06
N TYR A 82 27.51 13.96 -2.32
CA TYR A 82 26.90 13.01 -3.25
C TYR A 82 25.67 12.36 -2.64
N GLY A 83 25.70 12.13 -1.33
CA GLY A 83 24.59 11.48 -0.66
C GLY A 83 24.23 12.19 0.63
N VAL A 84 22.95 12.07 0.99
CA VAL A 84 22.46 12.52 2.29
C VAL A 84 21.57 11.42 2.85
N VAL A 85 21.86 10.99 4.07
CA VAL A 85 21.00 10.08 4.82
C VAL A 85 20.36 10.89 5.93
N LEU A 86 19.05 11.08 5.85
CA LEU A 86 18.30 11.85 6.84
C LEU A 86 17.83 10.93 7.94
N ASN A 87 18.55 10.92 9.04
CA ASN A 87 18.23 10.16 10.22
C ASN A 87 17.90 11.15 11.34
N ALA A 88 16.71 11.75 11.24
CA ALA A 88 16.32 12.86 12.10
C ALA A 88 14.94 12.58 12.66
N GLY A 89 14.89 12.30 13.96
CA GLY A 89 13.63 11.93 14.56
C GLY A 89 13.65 12.11 16.05
N LEU A 90 12.49 12.42 16.59
CA LEU A 90 12.25 12.51 18.02
C LEU A 90 10.87 11.92 18.27
N THR A 91 10.73 11.16 19.36
CA THR A 91 9.42 10.77 19.83
C THR A 91 9.03 11.58 21.06
N HIS A 92 7.72 11.77 21.23
CA HIS A 92 7.14 12.29 22.48
C HIS A 92 5.79 11.58 22.63
N ASP A 93 5.84 10.35 23.13
CA ASP A 93 4.66 9.49 23.12
C ASP A 93 3.63 9.94 24.15
N GLY A 94 2.37 9.65 23.86
CA GLY A 94 1.27 9.91 24.78
C GLY A 94 -0.05 9.83 24.04
N ALA A 95 -1.12 9.64 24.82
CA ALA A 95 -2.46 9.66 24.23
C ALA A 95 -2.71 11.03 23.60
N PHE A 96 -3.38 11.03 22.44
CA PHE A 96 -3.49 12.25 21.64
C PHE A 96 -4.10 13.42 22.40
N PRO A 97 -5.24 13.28 23.10
CA PRO A 97 -5.81 14.47 23.78
C PRO A 97 -4.94 15.00 24.91
N ALA A 98 -3.98 14.21 25.39
CA ALA A 98 -3.07 14.60 26.46
C ALA A 98 -1.69 15.01 25.96
N LEU A 99 -1.46 14.97 24.64
CA LEU A 99 -0.22 15.51 24.09
C LEU A 99 -0.13 17.00 24.36
N THR A 100 1.05 17.46 24.79
CA THR A 100 1.25 18.89 24.93
C THR A 100 1.61 19.52 23.58
N ASP A 101 1.54 20.85 23.52
CA ASP A 101 1.98 21.56 22.33
C ASP A 101 3.42 21.19 21.95
N GLN A 102 4.30 21.06 22.95
CA GLN A 102 5.70 20.69 22.67
C GLN A 102 5.80 19.25 22.17
N ASP A 103 5.07 18.32 22.79
CA ASP A 103 5.00 16.94 22.30
C ASP A 103 4.67 16.91 20.81
N TRP A 104 3.72 17.74 20.39
CA TRP A 104 3.29 17.74 18.99
C TRP A 104 4.30 18.44 18.10
N ASP A 105 4.61 19.70 18.40
CA ASP A 105 5.39 20.53 17.49
C ASP A 105 6.82 20.02 17.31
N GLU A 106 7.47 19.60 18.40
CA GLU A 106 8.86 19.16 18.29
C GLU A 106 8.97 17.87 17.49
N VAL A 107 7.99 16.98 17.62
CA VAL A 107 8.01 15.73 16.86
C VAL A 107 7.78 15.99 15.38
N ILE A 108 6.75 16.78 15.06
CA ILE A 108 6.50 17.15 13.66
C ILE A 108 7.71 17.88 13.07
N SER A 109 8.26 18.85 13.80
CA SER A 109 9.29 19.70 13.21
C SER A 109 10.61 18.94 13.04
N THR A 110 11.02 18.19 14.05
CA THR A 110 12.32 17.50 13.95
C THR A 110 12.40 16.65 12.69
N SER A 111 11.30 15.98 12.32
CA SER A 111 11.34 15.15 11.11
C SER A 111 11.13 15.98 9.85
N LEU A 112 10.10 16.83 9.83
CA LEU A 112 9.72 17.49 8.59
C LEU A 112 10.48 18.79 8.35
N ASP A 113 10.66 19.61 9.40
CA ASP A 113 11.58 20.74 9.26
C ASP A 113 13.01 20.26 9.06
N GLY A 114 13.38 19.15 9.70
CA GLY A 114 14.70 18.59 9.48
C GLY A 114 14.95 18.26 8.03
N PHE A 115 13.94 17.67 7.36
CA PHE A 115 14.04 17.35 5.94
C PHE A 115 14.29 18.62 5.11
N TYR A 116 13.47 19.64 5.31
CA TYR A 116 13.63 20.89 4.59
C TYR A 116 14.95 21.57 4.93
N ASN A 117 15.27 21.66 6.23
CA ASN A 117 16.42 22.45 6.66
C ASN A 117 17.73 21.85 6.19
N VAL A 118 17.83 20.53 6.16
CA VAL A 118 19.07 19.87 5.77
C VAL A 118 19.18 19.74 4.25
N LEU A 119 18.10 19.37 3.57
CA LEU A 119 18.20 19.08 2.15
C LEU A 119 18.17 20.33 1.27
N LYS A 120 17.42 21.37 1.64
CA LYS A 120 17.33 22.54 0.77
C LYS A 120 18.70 23.14 0.43
N PRO A 121 19.63 23.33 1.37
CA PRO A 121 20.95 23.86 0.99
C PRO A 121 21.82 22.87 0.24
N LEU A 122 21.42 21.59 0.15
CA LEU A 122 22.29 20.57 -0.40
C LEU A 122 21.86 20.03 -1.76
N ILE A 123 20.63 20.32 -2.21
CA ILE A 123 20.17 19.75 -3.48
C ILE A 123 20.99 20.29 -4.64
N MET A 124 21.17 21.61 -4.71
CA MET A 124 21.88 22.16 -5.87
C MET A 124 23.37 21.78 -5.85
N PRO A 125 24.06 21.80 -4.70
CA PRO A 125 25.43 21.27 -4.69
C PRO A 125 25.53 19.80 -5.11
N MET A 126 24.51 18.99 -4.82
CA MET A 126 24.51 17.61 -5.29
C MET A 126 24.33 17.54 -6.79
N ILE A 127 23.37 18.30 -7.33
CA ILE A 127 23.14 18.30 -8.77
C ILE A 127 24.39 18.75 -9.51
N HIS A 128 25.10 19.74 -8.96
CA HIS A 128 26.24 20.29 -9.68
C HIS A 128 27.46 19.37 -9.68
N LEU A 129 27.42 18.26 -8.92
CA LEU A 129 28.45 17.23 -9.07
C LEU A 129 28.37 16.52 -10.42
N ARG A 130 27.23 16.59 -11.10
CA ARG A 130 27.05 15.94 -12.41
C ARG A 130 27.41 14.46 -12.37
N LYS A 131 27.03 13.77 -11.30
CA LYS A 131 27.31 12.34 -11.22
C LYS A 131 26.18 11.57 -10.54
N GLY A 132 24.95 12.07 -10.64
CA GLY A 132 23.87 11.43 -9.89
C GLY A 132 23.96 11.74 -8.39
N GLY A 133 23.34 10.89 -7.60
CA GLY A 133 23.30 11.13 -6.16
C GLY A 133 22.37 10.17 -5.46
N ARG A 134 22.38 10.26 -4.13
CA ARG A 134 21.62 9.34 -3.28
C ARG A 134 21.04 10.11 -2.10
N ILE A 135 19.74 10.00 -1.88
CA ILE A 135 19.09 10.54 -0.69
C ILE A 135 18.27 9.41 -0.08
N VAL A 136 18.49 9.14 1.20
CA VAL A 136 17.73 8.12 1.93
C VAL A 136 17.22 8.76 3.21
N THR A 137 15.92 8.65 3.44
CA THR A 137 15.30 9.13 4.67
C THR A 137 14.97 7.96 5.57
N LEU A 138 15.00 8.18 6.88
CA LEU A 138 14.65 7.14 7.84
C LEU A 138 13.27 7.44 8.39
N SER A 139 12.30 6.60 8.06
CA SER A 139 10.95 6.72 8.62
C SER A 139 10.77 5.65 9.69
N SER A 140 9.61 5.01 9.71
CA SER A 140 9.28 4.06 10.75
C SER A 140 8.05 3.29 10.33
N VAL A 141 7.92 2.06 10.86
CA VAL A 141 6.67 1.32 10.67
C VAL A 141 5.49 2.15 11.14
N SER A 142 5.67 3.00 12.16
CA SER A 142 4.58 3.84 12.65
C SER A 142 4.14 4.84 11.60
N GLY A 143 5.05 5.27 10.73
CA GLY A 143 4.68 6.13 9.62
C GLY A 143 3.87 5.43 8.56
N ILE A 144 3.95 4.11 8.48
CA ILE A 144 3.18 3.36 7.47
C ILE A 144 1.79 2.99 7.99
N MET A 145 1.71 2.58 9.26
CA MET A 145 0.52 1.94 9.80
C MET A 145 -0.15 2.71 10.91
N GLY A 146 0.52 3.68 11.50
CA GLY A 146 0.06 4.30 12.73
C GLY A 146 0.35 3.43 13.94
N ASN A 147 0.41 4.08 15.10
CA ASN A 147 0.66 3.39 16.36
C ASN A 147 -0.02 4.15 17.50
N ARG A 148 -0.68 3.42 18.40
CA ARG A 148 -1.27 4.04 19.59
C ARG A 148 -0.21 4.79 20.38
N GLY A 149 -0.60 5.96 20.92
CA GLY A 149 0.32 6.79 21.66
C GLY A 149 1.32 7.53 20.81
N GLN A 150 1.21 7.46 19.49
CA GLN A 150 2.16 8.09 18.59
C GLN A 150 1.44 8.77 17.44
N VAL A 151 0.33 9.45 17.70
CA VAL A 151 -0.30 10.21 16.62
C VAL A 151 0.69 11.22 16.06
N ASN A 152 1.49 11.86 16.93
CA ASN A 152 2.46 12.84 16.46
C ASN A 152 3.58 12.17 15.67
N TYR A 153 4.16 11.09 16.20
CA TYR A 153 5.28 10.44 15.52
C TYR A 153 4.83 9.79 14.22
N SER A 154 3.66 9.13 14.22
CA SER A 154 3.12 8.55 13.00
C SER A 154 2.93 9.60 11.93
N ALA A 155 2.40 10.77 12.30
CA ALA A 155 2.24 11.86 11.34
C ALA A 155 3.59 12.30 10.79
N ALA A 156 4.58 12.48 11.67
CA ALA A 156 5.87 12.99 11.23
C ALA A 156 6.57 12.01 10.30
N LYS A 157 6.56 10.72 10.67
CA LYS A 157 7.23 9.72 9.85
C LYS A 157 6.45 9.40 8.58
N ALA A 158 5.12 9.52 8.61
CA ALA A 158 4.35 9.40 7.37
C ALA A 158 4.64 10.59 6.44
N GLY A 159 4.71 11.80 7.01
CA GLY A 159 5.04 12.96 6.21
C GLY A 159 6.38 12.83 5.54
N LEU A 160 7.34 12.20 6.22
CA LEU A 160 8.65 11.96 5.63
C LEU A 160 8.55 11.08 4.38
N ILE A 161 7.66 10.08 4.42
CA ILE A 161 7.47 9.23 3.26
C ILE A 161 6.93 10.04 2.08
N GLY A 162 5.92 10.88 2.32
CA GLY A 162 5.40 11.68 1.22
C GLY A 162 6.43 12.62 0.63
N ALA A 163 7.21 13.27 1.49
CA ALA A 163 8.25 14.17 0.99
C ALA A 163 9.28 13.42 0.15
N THR A 164 9.63 12.20 0.59
CA THR A 164 10.60 11.37 -0.11
C THR A 164 10.12 11.01 -1.50
N LYS A 165 8.86 10.54 -1.61
CA LYS A 165 8.34 10.15 -2.91
C LYS A 165 8.28 11.34 -3.86
N ALA A 166 7.83 12.50 -3.37
CA ALA A 166 7.74 13.67 -4.23
C ALA A 166 9.12 14.12 -4.68
N LEU A 167 10.10 14.14 -3.76
CA LEU A 167 11.43 14.55 -4.16
C LEU A 167 12.04 13.57 -5.15
N ALA A 168 11.74 12.27 -5.00
CA ALA A 168 12.19 11.29 -5.99
C ALA A 168 11.77 11.67 -7.40
N LEU A 169 10.51 12.12 -7.55
CA LEU A 169 10.01 12.50 -8.87
C LEU A 169 10.74 13.72 -9.42
N GLU A 170 11.08 14.69 -8.55
CA GLU A 170 11.75 15.89 -9.01
C GLU A 170 13.20 15.63 -9.42
N LEU A 171 13.89 14.73 -8.74
CA LEU A 171 15.32 14.56 -8.95
C LEU A 171 15.67 13.38 -9.85
N ALA A 172 14.67 12.60 -10.29
CA ALA A 172 14.96 11.44 -11.13
C ALA A 172 15.73 11.82 -12.39
N LYS A 173 15.38 12.94 -13.00
CA LYS A 173 16.05 13.33 -14.23
C LYS A 173 17.53 13.66 -14.01
N ARG A 174 17.93 13.92 -12.76
CA ARG A 174 19.32 14.13 -12.41
C ARG A 174 20.04 12.85 -11.98
N LYS A 175 19.40 11.69 -12.14
CA LYS A 175 19.96 10.40 -11.71
C LYS A 175 20.27 10.38 -10.22
N ILE A 176 19.51 11.15 -9.44
CA ILE A 176 19.55 11.10 -7.99
C ILE A 176 18.37 10.27 -7.53
N THR A 177 18.64 9.11 -6.90
CA THR A 177 17.55 8.32 -6.36
C THR A 177 17.22 8.82 -4.96
N VAL A 178 15.93 8.73 -4.63
CA VAL A 178 15.42 9.21 -3.34
C VAL A 178 14.51 8.11 -2.81
N ASN A 179 14.88 7.54 -1.67
CA ASN A 179 14.18 6.41 -1.08
C ASN A 179 14.08 6.58 0.41
N CYS A 180 13.24 5.74 1.02
CA CYS A 180 12.97 5.77 2.44
C CYS A 180 13.15 4.37 3.02
N VAL A 181 13.78 4.29 4.19
CA VAL A 181 13.89 3.04 4.93
C VAL A 181 13.07 3.18 6.20
N ALA A 182 12.17 2.22 6.43
CA ALA A 182 11.22 2.28 7.55
C ALA A 182 11.52 1.13 8.51
N PRO A 183 12.30 1.37 9.55
CA PRO A 183 12.59 0.30 10.51
C PRO A 183 11.37 -0.03 11.35
N GLY A 184 11.30 -1.30 11.78
CA GLY A 184 10.37 -1.75 12.80
C GLY A 184 10.95 -1.49 14.18
N LEU A 185 10.92 -2.51 15.05
CA LEU A 185 11.43 -2.38 16.41
C LEU A 185 12.89 -2.78 16.42
N ILE A 186 13.77 -1.82 16.69
CA ILE A 186 15.22 -1.99 16.62
C ILE A 186 15.81 -1.88 18.03
N GLU A 187 16.86 -2.66 18.28
CA GLU A 187 17.47 -2.79 19.60
C GLU A 187 17.78 -1.46 20.30
N THR A 188 17.91 -0.37 19.56
CA THR A 188 18.22 0.91 20.19
C THR A 188 16.99 1.61 20.74
N GLU A 189 15.78 1.18 20.38
CA GLU A 189 14.57 1.77 20.93
C GLU A 189 14.35 1.30 22.37
N LEU A 200 6.83 -8.16 20.77
CA LEU A 200 7.76 -9.12 20.22
C LEU A 200 7.02 -10.35 19.74
N LYS A 201 5.93 -10.69 20.45
CA LYS A 201 5.01 -11.71 19.98
C LYS A 201 4.34 -11.29 18.69
N MET A 202 4.44 -10.02 18.31
CA MET A 202 3.86 -9.51 17.08
C MET A 202 4.83 -9.56 15.90
N ILE A 203 6.13 -9.72 16.14
CA ILE A 203 7.13 -9.71 15.08
C ILE A 203 7.36 -11.15 14.61
N PRO A 204 7.12 -11.46 13.34
CA PRO A 204 7.30 -12.86 12.89
C PRO A 204 8.68 -13.44 13.18
N LEU A 205 9.74 -12.64 13.05
CA LEU A 205 11.07 -13.14 13.36
C LEU A 205 11.32 -13.27 14.86
N GLN A 206 10.39 -12.77 15.69
CA GLN A 206 10.38 -13.01 17.14
C GLN A 206 11.56 -12.37 17.86
N ARG A 207 12.06 -11.25 17.33
CA ARG A 207 13.17 -10.55 17.94
C ARG A 207 13.20 -9.13 17.41
N MET A 208 13.84 -8.25 18.18
CA MET A 208 14.15 -6.91 17.71
C MET A 208 15.22 -6.98 16.61
N GLY A 209 15.23 -5.96 15.75
CA GLY A 209 16.29 -5.86 14.77
C GLY A 209 17.55 -5.26 15.37
N GLN A 210 18.68 -5.55 14.74
CA GLN A 210 19.96 -4.96 15.13
C GLN A 210 20.25 -3.75 14.26
N VAL A 211 21.09 -2.83 14.77
CA VAL A 211 21.32 -1.60 14.03
C VAL A 211 21.89 -1.90 12.65
N ASP A 212 22.77 -2.90 12.53
CA ASP A 212 23.35 -3.18 11.22
C ASP A 212 22.34 -3.77 10.25
N GLU A 213 21.27 -4.39 10.73
CA GLU A 213 20.25 -4.90 9.83
C GLU A 213 19.49 -3.76 9.17
N VAL A 214 19.40 -2.60 9.84
CA VAL A 214 18.85 -1.41 9.20
C VAL A 214 19.90 -0.77 8.31
N ALA A 215 21.12 -0.63 8.83
CA ALA A 215 22.17 0.08 8.08
C ALA A 215 22.47 -0.61 6.76
N SER A 216 22.40 -1.95 6.72
CA SER A 216 22.68 -2.68 5.49
C SER A 216 21.75 -2.26 4.36
N VAL A 217 20.48 -2.00 4.68
CA VAL A 217 19.54 -1.61 3.64
C VAL A 217 19.84 -0.20 3.15
N VAL A 218 20.17 0.71 4.06
CA VAL A 218 20.58 2.05 3.64
C VAL A 218 21.82 1.97 2.77
N LYS A 219 22.79 1.14 3.17
CA LYS A 219 24.04 1.00 2.40
C LYS A 219 23.75 0.46 1.01
N PHE A 220 22.89 -0.54 0.89
CA PHE A 220 22.51 -1.04 -0.44
C PHE A 220 21.93 0.08 -1.30
N LEU A 221 20.99 0.85 -0.74
CA LEU A 221 20.35 1.90 -1.54
C LEU A 221 21.35 2.97 -1.99
N CYS A 222 22.37 3.25 -1.18
CA CYS A 222 23.38 4.23 -1.55
C CYS A 222 24.36 3.69 -2.58
N SER A 223 24.39 2.39 -2.80
CA SER A 223 25.33 1.78 -3.73
C SER A 223 24.96 2.07 -5.18
N ASP A 224 25.97 1.99 -6.06
CA ASP A 224 25.72 2.17 -7.48
C ASP A 224 24.75 1.11 -8.02
N GLU A 225 24.76 -0.09 -7.42
CA GLU A 225 23.89 -1.19 -7.86
C GLU A 225 22.41 -0.85 -7.75
N ALA A 226 22.03 0.05 -6.84
CA ALA A 226 20.63 0.36 -6.58
C ALA A 226 20.10 1.47 -7.49
N SER A 227 20.68 1.62 -8.69
CA SER A 227 20.40 2.78 -9.54
C SER A 227 18.99 2.80 -10.12
N TYR A 228 18.26 1.68 -10.15
CA TYR A 228 16.90 1.68 -10.67
C TYR A 228 15.84 1.68 -9.57
N VAL A 229 16.25 1.86 -8.32
CA VAL A 229 15.33 1.91 -7.18
C VAL A 229 15.18 3.37 -6.77
N THR A 230 13.99 3.93 -6.94
CA THR A 230 13.73 5.27 -6.45
C THR A 230 12.23 5.38 -6.18
N ARG A 231 11.88 6.33 -5.30
CA ARG A 231 10.51 6.58 -4.87
C ARG A 231 9.99 5.50 -3.92
N GLN A 232 10.86 4.67 -3.35
CA GLN A 232 10.43 3.51 -2.59
C GLN A 232 10.52 3.71 -1.09
N VAL A 233 9.65 3.00 -0.37
CA VAL A 233 9.73 2.84 1.09
C VAL A 233 10.05 1.38 1.36
N ILE A 234 11.25 1.10 1.87
CA ILE A 234 11.65 -0.28 2.14
C ILE A 234 11.56 -0.51 3.65
N SER A 235 10.72 -1.47 4.05
CA SER A 235 10.53 -1.79 5.46
C SER A 235 11.54 -2.83 5.91
N VAL A 236 12.16 -2.57 7.06
CA VAL A 236 13.13 -3.48 7.70
C VAL A 236 12.58 -3.74 9.09
N ASN A 237 11.68 -4.74 9.22
CA ASN A 237 10.86 -4.85 10.41
C ASN A 237 10.61 -6.29 10.86
N GLY A 238 11.40 -7.25 10.38
CA GLY A 238 11.21 -8.64 10.79
C GLY A 238 9.87 -9.23 10.42
N GLY A 239 9.15 -8.63 9.46
CA GLY A 239 7.85 -9.12 9.02
C GLY A 239 6.65 -8.48 9.68
N LEU A 240 6.86 -7.46 10.53
CA LEU A 240 5.75 -6.85 11.26
C LEU A 240 4.60 -6.43 10.33
N ILE A 241 4.94 -5.83 9.18
CA ILE A 241 3.97 -5.52 8.13
C ILE A 241 4.71 -5.56 6.80
N MET B 1 -35.39 0.19 -17.73
CA MET B 1 -34.75 1.15 -16.82
C MET B 1 -34.18 0.48 -15.57
N THR B 2 -34.73 -0.67 -15.19
CA THR B 2 -34.25 -1.37 -13.99
C THR B 2 -32.93 -2.08 -14.30
N ARG B 3 -31.96 -1.91 -13.42
CA ARG B 3 -30.64 -2.51 -13.60
C ARG B 3 -30.52 -3.76 -12.75
N ARG B 4 -29.88 -4.79 -13.31
CA ARG B 4 -29.81 -6.11 -12.69
C ARG B 4 -28.37 -6.45 -12.32
N ILE B 5 -28.19 -7.05 -11.13
CA ILE B 5 -26.86 -7.37 -10.62
C ILE B 5 -26.82 -8.85 -10.24
N LEU B 6 -25.78 -9.54 -10.68
CA LEU B 6 -25.49 -10.91 -10.27
C LEU B 6 -24.58 -10.89 -9.05
N VAL B 7 -24.95 -11.64 -8.00
CA VAL B 7 -24.09 -11.81 -6.83
C VAL B 7 -23.77 -13.31 -6.70
N THR B 8 -22.51 -13.68 -6.87
CA THR B 8 -22.16 -15.09 -6.69
C THR B 8 -22.14 -15.46 -5.21
N GLY B 9 -22.50 -16.70 -4.92
CA GLY B 9 -22.54 -17.19 -3.54
C GLY B 9 -23.45 -16.39 -2.65
N SER B 10 -24.64 -16.05 -3.13
CA SER B 10 -25.57 -15.19 -2.40
C SER B 10 -26.70 -15.96 -1.74
N SER B 11 -26.58 -17.28 -1.58
CA SER B 11 -27.64 -17.99 -0.88
C SER B 11 -27.50 -17.90 0.63
N ARG B 12 -26.36 -17.43 1.15
CA ARG B 12 -26.16 -17.31 2.59
C ARG B 12 -25.04 -16.33 2.86
N GLY B 13 -24.88 -15.98 4.14
CA GLY B 13 -23.68 -15.28 4.59
C GLY B 13 -23.54 -13.89 4.00
N ILE B 14 -22.28 -13.51 3.72
CA ILE B 14 -21.99 -12.18 3.18
C ILE B 14 -22.70 -11.98 1.84
N GLY B 15 -22.66 -12.98 0.97
CA GLY B 15 -23.29 -12.83 -0.34
C GLY B 15 -24.79 -12.56 -0.25
N LYS B 16 -25.48 -13.26 0.65
CA LYS B 16 -26.89 -13.00 0.90
C LYS B 16 -27.11 -11.57 1.38
N ALA B 17 -26.29 -11.12 2.34
CA ALA B 17 -26.43 -9.75 2.84
C ALA B 17 -26.24 -8.73 1.73
N ILE B 18 -25.28 -8.97 0.83
CA ILE B 18 -25.06 -8.09 -0.32
C ILE B 18 -26.31 -8.06 -1.20
N ALA B 19 -26.84 -9.24 -1.53
CA ALA B 19 -28.00 -9.32 -2.40
C ALA B 19 -29.19 -8.55 -1.82
N LEU B 20 -29.45 -8.72 -0.52
CA LEU B 20 -30.60 -8.05 0.07
C LEU B 20 -30.39 -6.54 0.13
N GLN B 21 -29.16 -6.08 0.41
CA GLN B 21 -28.91 -4.64 0.43
C GLN B 21 -29.06 -4.04 -0.97
N LEU B 22 -28.59 -4.75 -1.99
CA LEU B 22 -28.74 -4.23 -3.35
C LEU B 22 -30.20 -4.20 -3.77
N ALA B 23 -30.99 -5.19 -3.34
CA ALA B 23 -32.42 -5.16 -3.63
C ALA B 23 -33.09 -3.96 -2.96
N LYS B 24 -32.74 -3.70 -1.71
CA LYS B 24 -33.29 -2.53 -1.01
C LYS B 24 -32.88 -1.23 -1.67
N ALA B 25 -31.70 -1.20 -2.30
CA ALA B 25 -31.26 -0.02 -3.03
C ALA B 25 -31.93 0.13 -4.40
N GLY B 26 -32.75 -0.82 -4.82
CA GLY B 26 -33.49 -0.67 -6.06
C GLY B 26 -32.96 -1.44 -7.26
N PHE B 27 -32.01 -2.33 -7.08
CA PHE B 27 -31.59 -3.21 -8.16
C PHE B 27 -32.42 -4.48 -8.16
N ASP B 28 -32.69 -5.02 -9.35
CA ASP B 28 -33.03 -6.43 -9.45
C ASP B 28 -31.77 -7.24 -9.19
N VAL B 29 -31.90 -8.36 -8.49
CA VAL B 29 -30.74 -9.13 -8.03
C VAL B 29 -30.94 -10.59 -8.39
N THR B 30 -29.99 -11.15 -9.12
CA THR B 30 -29.98 -12.58 -9.47
C THR B 30 -29.09 -13.32 -8.47
N VAL B 31 -29.66 -14.32 -7.80
CA VAL B 31 -29.01 -15.10 -6.76
C VAL B 31 -28.23 -16.24 -7.41
N HIS B 32 -27.13 -16.64 -6.75
CA HIS B 32 -26.34 -17.77 -7.25
C HIS B 32 -25.85 -18.64 -6.09
N ALA B 33 -25.80 -19.95 -6.33
CA ALA B 33 -25.19 -20.86 -5.39
C ALA B 33 -24.58 -22.02 -6.16
N ARG B 34 -23.63 -22.71 -5.54
CA ARG B 34 -23.03 -23.88 -6.19
C ARG B 34 -24.01 -25.05 -6.19
N SER B 35 -24.62 -25.34 -5.05
CA SER B 35 -25.45 -26.54 -4.97
C SER B 35 -26.66 -26.45 -4.04
N ARG B 36 -26.71 -25.45 -3.16
CA ARG B 36 -27.78 -25.39 -2.16
C ARG B 36 -28.98 -24.68 -2.77
N GLN B 37 -29.75 -25.45 -3.55
CA GLN B 37 -30.82 -24.88 -4.37
C GLN B 37 -31.95 -24.33 -3.50
N ALA B 38 -32.38 -25.10 -2.48
CA ALA B 38 -33.47 -24.63 -1.63
C ALA B 38 -33.10 -23.34 -0.90
N GLU B 39 -31.84 -23.25 -0.46
CA GLU B 39 -31.33 -22.05 0.19
C GLU B 39 -31.38 -20.84 -0.74
N ALA B 40 -30.99 -21.04 -2.01
CA ALA B 40 -31.00 -19.95 -2.97
C ALA B 40 -32.41 -19.48 -3.24
N GLU B 41 -33.37 -20.41 -3.36
CA GLU B 41 -34.75 -20.00 -3.62
C GLU B 41 -35.32 -19.18 -2.47
N GLN B 42 -34.88 -19.44 -1.23
CA GLN B 42 -35.35 -18.63 -0.11
C GLN B 42 -34.89 -17.18 -0.23
N VAL B 43 -33.66 -16.96 -0.70
CA VAL B 43 -33.16 -15.59 -0.86
C VAL B 43 -33.90 -14.90 -2.02
N VAL B 44 -34.16 -15.63 -3.09
CA VAL B 44 -34.96 -15.11 -4.20
C VAL B 44 -36.29 -14.57 -3.70
N GLN B 45 -36.97 -15.34 -2.84
CA GLN B 45 -38.28 -14.90 -2.36
C GLN B 45 -38.16 -13.69 -1.44
N GLU B 46 -37.06 -13.59 -0.68
CA GLU B 46 -36.88 -12.40 0.15
C GLU B 46 -36.64 -11.16 -0.71
N ILE B 47 -35.84 -11.29 -1.78
CA ILE B 47 -35.64 -10.17 -2.69
C ILE B 47 -36.97 -9.77 -3.32
N GLN B 48 -37.78 -10.76 -3.71
CA GLN B 48 -39.09 -10.44 -4.25
C GLN B 48 -39.97 -9.72 -3.24
N ALA B 49 -39.93 -10.15 -1.98
CA ALA B 49 -40.69 -9.50 -0.92
C ALA B 49 -40.15 -8.11 -0.61
N LEU B 50 -38.89 -7.84 -0.95
CA LEU B 50 -38.30 -6.51 -0.86
C LEU B 50 -38.71 -5.61 -2.01
N GLY B 51 -39.42 -6.12 -3.02
CA GLY B 51 -39.96 -5.30 -4.08
C GLY B 51 -39.21 -5.33 -5.39
N GLN B 52 -38.30 -6.26 -5.59
CA GLN B 52 -37.52 -6.36 -6.82
C GLN B 52 -37.70 -7.74 -7.45
N ASN B 53 -37.30 -7.84 -8.71
CA ASN B 53 -37.32 -9.13 -9.41
C ASN B 53 -36.07 -9.95 -9.06
N SER B 54 -36.24 -11.26 -9.02
CA SER B 54 -35.14 -12.16 -8.71
C SER B 54 -35.43 -13.56 -9.24
N HIS B 55 -34.36 -14.27 -9.55
CA HIS B 55 -34.33 -15.72 -9.75
C HIS B 55 -32.93 -16.17 -9.37
N TYR B 56 -32.69 -17.48 -9.35
CA TYR B 56 -31.37 -17.98 -9.01
C TYR B 56 -30.75 -18.76 -10.17
N LEU B 57 -29.42 -18.83 -10.16
CA LEU B 57 -28.64 -19.65 -11.07
C LEU B 57 -27.76 -20.58 -10.25
N MET B 58 -27.61 -21.83 -10.69
CA MET B 58 -26.80 -22.81 -9.97
C MET B 58 -25.60 -23.20 -10.83
N PHE B 59 -24.39 -23.00 -10.30
CA PHE B 59 -23.21 -23.54 -10.96
C PHE B 59 -22.00 -23.48 -10.03
N ASP B 60 -21.07 -24.39 -10.26
CA ASP B 60 -19.71 -24.29 -9.72
C ASP B 60 -18.95 -23.29 -10.60
N VAL B 61 -18.38 -22.25 -10.00
CA VAL B 61 -17.72 -21.23 -10.82
C VAL B 61 -16.52 -21.79 -11.57
N ASN B 62 -16.00 -22.94 -11.15
CA ASN B 62 -14.87 -23.57 -11.83
C ASN B 62 -15.27 -24.30 -13.11
N GLU B 63 -16.57 -24.54 -13.33
CA GLU B 63 -17.01 -25.32 -14.50
C GLU B 63 -17.19 -24.38 -15.67
N ARG B 64 -16.06 -24.12 -16.37
CA ARG B 64 -15.96 -23.00 -17.28
C ARG B 64 -17.06 -23.02 -18.35
N GLN B 65 -17.23 -24.15 -19.03
CA GLN B 65 -18.17 -24.20 -20.14
C GLN B 65 -19.62 -24.19 -19.65
N THR B 66 -19.90 -24.88 -18.55
CA THR B 66 -21.23 -24.83 -17.96
C THR B 66 -21.60 -23.40 -17.54
N VAL B 67 -20.63 -22.69 -16.97
CA VAL B 67 -20.87 -21.30 -16.56
C VAL B 67 -21.18 -20.44 -17.77
N GLN B 68 -20.38 -20.58 -18.84
CA GLN B 68 -20.62 -19.81 -20.06
C GLN B 68 -22.02 -20.04 -20.60
N GLN B 69 -22.44 -21.31 -20.66
CA GLN B 69 -23.75 -21.63 -21.23
C GLN B 69 -24.87 -21.06 -20.36
N ILE B 70 -24.77 -21.23 -19.04
CA ILE B 70 -25.83 -20.72 -18.16
C ILE B 70 -25.90 -19.21 -18.22
N LEU B 71 -24.74 -18.53 -18.20
CA LEU B 71 -24.78 -17.07 -18.22
C LEU B 71 -25.22 -16.54 -19.59
N GLU B 72 -24.80 -17.17 -20.68
CA GLU B 72 -25.25 -16.68 -21.98
C GLU B 72 -26.75 -16.87 -22.15
N GLN B 73 -27.29 -18.00 -21.67
CA GLN B 73 -28.73 -18.20 -21.72
C GLN B 73 -29.47 -17.19 -20.83
N ASP B 74 -28.92 -16.92 -19.64
CA ASP B 74 -29.58 -15.98 -18.74
C ASP B 74 -29.62 -14.57 -19.33
N VAL B 75 -28.54 -14.15 -19.99
CA VAL B 75 -28.49 -12.82 -20.59
C VAL B 75 -29.45 -12.74 -21.78
N GLU B 76 -29.55 -13.82 -22.55
CA GLU B 76 -30.50 -13.81 -23.67
C GLU B 76 -31.92 -13.65 -23.17
N GLN B 77 -32.27 -14.28 -22.04
CA GLN B 77 -33.63 -14.24 -21.53
C GLN B 77 -33.92 -12.99 -20.71
N HIS B 78 -32.95 -12.46 -19.97
CA HIS B 78 -33.23 -11.38 -19.03
C HIS B 78 -32.42 -10.11 -19.28
N GLY B 79 -31.60 -10.04 -20.31
CA GLY B 79 -30.80 -8.86 -20.58
C GLY B 79 -29.45 -8.91 -19.89
N GLY B 80 -28.55 -8.03 -20.32
CA GLY B 80 -27.23 -7.96 -19.70
C GLY B 80 -27.31 -7.56 -18.25
N PHE B 81 -26.32 -7.99 -17.47
CA PHE B 81 -26.16 -7.55 -16.08
C PHE B 81 -25.50 -6.18 -16.06
N TYR B 82 -26.10 -5.25 -15.30
CA TYR B 82 -25.46 -3.97 -15.06
C TYR B 82 -24.30 -4.12 -14.08
N GLY B 83 -24.45 -5.02 -13.10
CA GLY B 83 -23.42 -5.23 -12.10
C GLY B 83 -23.15 -6.71 -11.88
N VAL B 84 -21.91 -6.99 -11.46
CA VAL B 84 -21.52 -8.34 -11.05
C VAL B 84 -20.74 -8.20 -9.75
N VAL B 85 -21.15 -8.95 -8.72
CA VAL B 85 -20.43 -9.00 -7.45
C VAL B 85 -19.89 -10.43 -7.33
N LEU B 86 -18.57 -10.56 -7.36
CA LEU B 86 -17.90 -11.85 -7.25
C LEU B 86 -17.58 -12.12 -5.78
N ASN B 87 -18.57 -12.66 -5.07
CA ASN B 87 -18.44 -12.91 -3.64
C ASN B 87 -18.04 -14.34 -3.30
N ALA B 88 -18.46 -15.32 -4.10
CA ALA B 88 -18.19 -16.72 -3.77
C ALA B 88 -16.69 -16.97 -3.80
N GLY B 89 -16.19 -17.66 -2.77
CA GLY B 89 -14.79 -18.06 -2.69
C GLY B 89 -14.65 -19.34 -1.88
N LEU B 90 -13.43 -19.77 -1.61
CA LEU B 90 -13.24 -21.06 -0.94
C LEU B 90 -11.94 -21.03 -0.17
N THR B 91 -11.95 -21.55 1.07
CA THR B 91 -10.72 -21.80 1.82
C THR B 91 -10.47 -23.30 1.94
N HIS B 92 -9.18 -23.64 2.10
CA HIS B 92 -8.71 -24.99 2.45
C HIS B 92 -7.45 -24.74 3.29
N ASP B 93 -7.67 -24.40 4.56
CA ASP B 93 -6.57 -23.89 5.37
C ASP B 93 -5.61 -25.00 5.78
N GLY B 94 -4.38 -24.60 6.07
CA GLY B 94 -3.35 -25.53 6.50
C GLY B 94 -1.97 -24.98 6.22
N ALA B 95 -0.98 -25.35 7.04
CA ALA B 95 0.38 -24.94 6.76
C ALA B 95 0.79 -25.39 5.36
N PHE B 96 1.64 -24.58 4.71
CA PHE B 96 2.03 -24.86 3.33
C PHE B 96 2.55 -26.29 3.14
N PRO B 97 3.43 -26.83 3.99
CA PRO B 97 3.84 -28.23 3.79
C PRO B 97 2.71 -29.23 3.99
N ALA B 98 1.64 -28.86 4.69
CA ALA B 98 0.53 -29.76 4.93
C ALA B 98 -0.51 -29.75 3.81
N LEU B 99 -0.50 -28.73 2.96
CA LEU B 99 -1.54 -28.59 1.94
C LEU B 99 -1.45 -29.71 0.91
N THR B 100 -2.62 -30.24 0.55
CA THR B 100 -2.72 -31.20 -0.54
C THR B 100 -2.82 -30.46 -1.87
N ASP B 101 -2.63 -31.21 -2.97
CA ASP B 101 -2.85 -30.64 -4.30
C ASP B 101 -4.24 -30.02 -4.41
N GLN B 102 -5.26 -30.74 -3.93
CA GLN B 102 -6.62 -30.22 -3.96
C GLN B 102 -6.77 -28.96 -3.09
N ASP B 103 -6.16 -28.95 -1.91
CA ASP B 103 -6.21 -27.76 -1.05
C ASP B 103 -5.72 -26.54 -1.82
N TRP B 104 -4.61 -26.69 -2.55
CA TRP B 104 -4.04 -25.58 -3.31
C TRP B 104 -4.92 -25.25 -4.52
N ASP B 105 -5.15 -26.25 -5.36
CA ASP B 105 -5.76 -26.00 -6.67
C ASP B 105 -7.18 -25.46 -6.52
N GLU B 106 -7.96 -26.03 -5.59
CA GLU B 106 -9.36 -25.62 -5.48
C GLU B 106 -9.48 -24.17 -5.02
N VAL B 107 -8.56 -23.73 -4.17
CA VAL B 107 -8.63 -22.38 -3.64
C VAL B 107 -8.19 -21.37 -4.70
N ILE B 108 -7.09 -21.65 -5.39
CA ILE B 108 -6.63 -20.76 -6.45
C ILE B 108 -7.68 -20.66 -7.55
N SER B 109 -8.20 -21.81 -7.99
CA SER B 109 -9.09 -21.80 -9.15
C SER B 109 -10.42 -21.13 -8.83
N THR B 110 -11.00 -21.41 -7.66
CA THR B 110 -12.31 -20.83 -7.35
C THR B 110 -12.26 -19.31 -7.42
N SER B 111 -11.18 -18.70 -6.95
CA SER B 111 -11.10 -17.24 -7.00
C SER B 111 -10.70 -16.73 -8.39
N LEU B 112 -9.66 -17.31 -8.98
CA LEU B 112 -9.12 -16.74 -10.21
C LEU B 112 -9.77 -17.29 -11.47
N ASP B 113 -9.98 -18.61 -11.56
CA ASP B 113 -10.78 -19.10 -12.66
C ASP B 113 -12.23 -18.66 -12.54
N GLY B 114 -12.72 -18.51 -11.31
CA GLY B 114 -14.07 -17.99 -11.12
C GLY B 114 -14.23 -16.59 -11.68
N PHE B 115 -13.24 -15.72 -11.45
CA PHE B 115 -13.22 -14.39 -12.05
C PHE B 115 -13.35 -14.46 -13.57
N TYR B 116 -12.49 -15.26 -14.20
CA TYR B 116 -12.51 -15.37 -15.66
C TYR B 116 -13.80 -16.01 -16.15
N ASN B 117 -14.20 -17.12 -15.52
CA ASN B 117 -15.34 -17.88 -16.03
C ASN B 117 -16.64 -17.11 -15.92
N VAL B 118 -16.78 -16.29 -14.87
CA VAL B 118 -18.04 -15.55 -14.70
C VAL B 118 -18.03 -14.27 -15.51
N LEU B 119 -16.91 -13.53 -15.50
CA LEU B 119 -16.89 -12.21 -16.13
C LEU B 119 -16.72 -12.27 -17.65
N LYS B 120 -15.97 -13.24 -18.17
CA LYS B 120 -15.76 -13.26 -19.63
C LYS B 120 -17.07 -13.28 -20.42
N PRO B 121 -18.08 -14.08 -20.08
CA PRO B 121 -19.35 -14.02 -20.84
C PRO B 121 -20.19 -12.79 -20.54
N LEU B 122 -19.84 -11.98 -19.53
CA LEU B 122 -20.70 -10.88 -19.11
C LEU B 122 -20.17 -9.49 -19.44
N ILE B 123 -18.90 -9.34 -19.80
CA ILE B 123 -18.35 -8.00 -20.03
C ILE B 123 -19.03 -7.33 -21.23
N MET B 124 -19.16 -8.05 -22.34
CA MET B 124 -19.73 -7.38 -23.51
C MET B 124 -21.22 -7.08 -23.32
N PRO B 125 -22.03 -8.00 -22.79
CA PRO B 125 -23.42 -7.62 -22.47
C PRO B 125 -23.54 -6.42 -21.54
N MET B 126 -22.62 -6.28 -20.58
CA MET B 126 -22.61 -5.10 -19.73
C MET B 126 -22.33 -3.84 -20.56
N ILE B 127 -21.28 -3.87 -21.37
CA ILE B 127 -20.93 -2.71 -22.18
C ILE B 127 -22.09 -2.32 -23.09
N HIS B 128 -22.77 -3.32 -23.66
CA HIS B 128 -23.83 -3.04 -24.61
C HIS B 128 -25.08 -2.44 -23.98
N LEU B 129 -25.19 -2.42 -22.65
CA LEU B 129 -26.23 -1.65 -21.99
C LEU B 129 -26.07 -0.15 -22.20
N ARG B 130 -24.85 0.30 -22.50
CA ARG B 130 -24.54 1.72 -22.73
C ARG B 130 -25.01 2.61 -21.57
N LYS B 131 -24.77 2.14 -20.34
CA LYS B 131 -25.10 2.95 -19.17
C LYS B 131 -24.11 2.74 -18.03
N GLY B 132 -22.86 2.49 -18.35
CA GLY B 132 -21.89 2.21 -17.31
C GLY B 132 -22.09 0.82 -16.73
N GLY B 133 -21.52 0.61 -15.55
CA GLY B 133 -21.62 -0.70 -14.92
C GLY B 133 -20.86 -0.70 -13.63
N ARG B 134 -20.96 -1.83 -12.92
CA ARG B 134 -20.34 -2.00 -11.61
C ARG B 134 -19.84 -3.42 -11.49
N ILE B 135 -18.56 -3.59 -11.16
CA ILE B 135 -18.01 -4.90 -10.82
C ILE B 135 -17.31 -4.75 -9.48
N VAL B 136 -17.65 -5.62 -8.52
CA VAL B 136 -17.01 -5.63 -7.21
C VAL B 136 -16.58 -7.06 -6.90
N THR B 137 -15.30 -7.24 -6.58
CA THR B 137 -14.79 -8.53 -6.13
C THR B 137 -14.64 -8.53 -4.61
N LEU B 138 -14.78 -9.71 -4.02
CA LEU B 138 -14.58 -9.87 -2.59
C LEU B 138 -13.22 -10.55 -2.38
N SER B 139 -12.26 -9.79 -1.85
CA SER B 139 -10.98 -10.37 -1.50
C SER B 139 -10.96 -10.68 0.00
N SER B 140 -9.87 -10.38 0.66
CA SER B 140 -9.71 -10.67 2.09
C SER B 140 -8.50 -9.89 2.58
N VAL B 141 -8.50 -9.58 3.88
CA VAL B 141 -7.29 -9.03 4.51
C VAL B 141 -6.10 -9.94 4.26
N SER B 142 -6.34 -11.25 4.15
CA SER B 142 -5.26 -12.20 3.88
C SER B 142 -4.64 -11.99 2.52
N GLY B 143 -5.44 -11.52 1.54
CA GLY B 143 -4.90 -11.20 0.24
C GLY B 143 -4.03 -9.95 0.24
N ILE B 144 -4.18 -9.09 1.24
CA ILE B 144 -3.37 -7.87 1.34
C ILE B 144 -2.07 -8.13 2.08
N MET B 145 -2.14 -8.84 3.20
CA MET B 145 -1.00 -8.97 4.09
C MET B 145 -0.51 -10.40 4.27
N GLY B 146 -1.23 -11.40 3.77
CA GLY B 146 -0.88 -12.79 4.01
C GLY B 146 -1.31 -13.25 5.39
N ASN B 147 -1.49 -14.57 5.53
CA ASN B 147 -1.90 -15.15 6.81
C ASN B 147 -1.32 -16.55 6.92
N ARG B 148 -0.77 -16.87 8.11
CA ARG B 148 -0.31 -18.23 8.38
C ARG B 148 -1.42 -19.24 8.16
N GLY B 149 -1.07 -20.39 7.58
CA GLY B 149 -2.05 -21.40 7.27
C GLY B 149 -2.89 -21.12 6.05
N GLN B 150 -2.58 -20.04 5.33
CA GLN B 150 -3.40 -19.63 4.19
C GLN B 150 -2.51 -19.15 3.06
N VAL B 151 -1.41 -19.85 2.79
CA VAL B 151 -0.61 -19.47 1.63
C VAL B 151 -1.48 -19.57 0.38
N ASN B 152 -2.34 -20.58 0.31
CA ASN B 152 -3.19 -20.73 -0.87
C ASN B 152 -4.25 -19.63 -0.94
N TYR B 153 -4.96 -19.38 0.15
CA TYR B 153 -6.02 -18.35 0.15
C TYR B 153 -5.44 -16.95 -0.02
N SER B 154 -4.31 -16.67 0.63
CA SER B 154 -3.65 -15.39 0.44
C SER B 154 -3.30 -15.17 -1.02
N ALA B 155 -2.74 -16.20 -1.67
CA ALA B 155 -2.43 -16.10 -3.09
C ALA B 155 -3.68 -15.87 -3.92
N ALA B 156 -4.73 -16.65 -3.65
CA ALA B 156 -5.96 -16.52 -4.44
C ALA B 156 -6.56 -15.13 -4.31
N LYS B 157 -6.61 -14.60 -3.08
CA LYS B 157 -7.29 -13.35 -2.84
C LYS B 157 -6.42 -12.16 -3.22
N ALA B 158 -5.08 -12.30 -3.14
CA ALA B 158 -4.20 -11.28 -3.71
C ALA B 158 -4.30 -11.23 -5.22
N GLY B 159 -4.36 -12.39 -5.87
CA GLY B 159 -4.52 -12.40 -7.32
C GLY B 159 -5.80 -11.75 -7.76
N LEU B 160 -6.87 -11.91 -6.99
CA LEU B 160 -8.13 -11.26 -7.30
C LEU B 160 -7.98 -9.74 -7.32
N ILE B 161 -7.13 -9.21 -6.43
CA ILE B 161 -6.88 -7.77 -6.40
C ILE B 161 -6.18 -7.33 -7.70
N GLY B 162 -5.17 -8.07 -8.14
CA GLY B 162 -4.49 -7.70 -9.37
C GLY B 162 -5.42 -7.73 -10.57
N ALA B 163 -6.26 -8.76 -10.65
CA ALA B 163 -7.25 -8.84 -11.73
C ALA B 163 -8.21 -7.66 -11.68
N THR B 164 -8.70 -7.33 -10.48
CA THR B 164 -9.63 -6.21 -10.30
C THR B 164 -9.02 -4.89 -10.79
N LYS B 165 -7.78 -4.61 -10.38
CA LYS B 165 -7.16 -3.34 -10.76
C LYS B 165 -6.92 -3.26 -12.27
N ALA B 166 -6.43 -4.36 -12.87
CA ALA B 166 -6.20 -4.36 -14.31
C ALA B 166 -7.51 -4.19 -15.07
N LEU B 167 -8.57 -4.88 -14.63
CA LEU B 167 -9.83 -4.77 -15.35
C LEU B 167 -10.42 -3.35 -15.22
N ALA B 168 -10.24 -2.72 -14.06
CA ALA B 168 -10.67 -1.32 -13.89
C ALA B 168 -10.06 -0.43 -14.97
N LEU B 169 -8.77 -0.62 -15.27
CA LEU B 169 -8.11 0.18 -16.29
C LEU B 169 -8.73 -0.05 -17.67
N GLU B 170 -9.07 -1.30 -17.98
CA GLU B 170 -9.61 -1.59 -19.31
C GLU B 170 -11.03 -1.05 -19.46
N LEU B 171 -11.82 -1.05 -18.39
CA LEU B 171 -13.23 -0.72 -18.50
C LEU B 171 -13.54 0.72 -18.13
N ALA B 172 -12.55 1.50 -17.68
CA ALA B 172 -12.85 2.86 -17.24
C ALA B 172 -13.51 3.68 -18.34
N LYS B 173 -13.08 3.49 -19.59
CA LYS B 173 -13.62 4.28 -20.70
C LYS B 173 -15.08 3.95 -20.98
N ARG B 174 -15.58 2.81 -20.51
CA ARG B 174 -16.99 2.45 -20.62
C ARG B 174 -17.80 2.88 -19.41
N LYS B 175 -17.20 3.65 -18.49
CA LYS B 175 -17.87 4.08 -17.26
C LYS B 175 -18.33 2.89 -16.42
N ILE B 176 -17.60 1.78 -16.49
CA ILE B 176 -17.78 0.66 -15.58
C ILE B 176 -16.68 0.75 -14.53
N THR B 177 -17.07 0.97 -13.26
CA THR B 177 -16.06 0.93 -12.20
C THR B 177 -15.82 -0.50 -11.76
N VAL B 178 -14.58 -0.79 -11.37
CA VAL B 178 -14.17 -2.12 -10.95
C VAL B 178 -13.38 -1.96 -9.66
N ASN B 179 -13.90 -2.53 -8.57
CA ASN B 179 -13.32 -2.34 -7.25
C ASN B 179 -13.36 -3.64 -6.48
N CYS B 180 -12.65 -3.65 -5.36
CA CYS B 180 -12.53 -4.83 -4.52
C CYS B 180 -12.86 -4.44 -3.07
N VAL B 181 -13.61 -5.29 -2.38
CA VAL B 181 -13.85 -5.16 -0.95
C VAL B 181 -13.12 -6.30 -0.24
N ALA B 182 -12.34 -5.96 0.79
CA ALA B 182 -11.47 -6.93 1.47
C ALA B 182 -11.89 -7.03 2.93
N PRO B 183 -12.75 -7.98 3.27
CA PRO B 183 -13.20 -8.12 4.66
C PRO B 183 -12.09 -8.63 5.56
N GLY B 184 -12.17 -8.25 6.83
CA GLY B 184 -11.37 -8.86 7.87
C GLY B 184 -12.03 -10.12 8.41
N LEU B 185 -12.06 -10.26 9.73
CA LEU B 185 -12.72 -11.40 10.37
C LEU B 185 -14.20 -11.08 10.53
N ILE B 186 -15.05 -11.81 9.81
CA ILE B 186 -16.49 -11.58 9.79
C ILE B 186 -17.19 -12.75 10.47
N GLU B 187 -18.34 -12.45 11.09
CA GLU B 187 -19.03 -13.42 11.94
C GLU B 187 -19.37 -14.74 11.24
N THR B 188 -19.33 -14.78 9.91
CA THR B 188 -19.64 -16.01 9.20
C THR B 188 -18.46 -16.98 9.12
N GLU B 189 -17.24 -16.54 9.42
CA GLU B 189 -16.08 -17.40 9.29
C GLU B 189 -15.91 -18.23 10.56
N MET B 190 -15.95 -19.56 10.40
CA MET B 190 -15.87 -20.45 11.55
C MET B 190 -14.43 -20.50 12.05
N VAL B 191 -14.23 -20.15 13.33
CA VAL B 191 -12.93 -20.20 13.96
C VAL B 191 -13.10 -20.81 15.35
N THR B 192 -12.08 -21.54 15.80
CA THR B 192 -12.09 -22.06 17.16
C THR B 192 -12.07 -20.91 18.16
N ASP B 193 -12.51 -21.22 19.39
CA ASP B 193 -12.50 -20.24 20.45
C ASP B 193 -11.10 -19.65 20.65
N GLU B 194 -10.07 -20.50 20.54
CA GLU B 194 -8.70 -20.04 20.71
C GLU B 194 -8.30 -19.08 19.59
N VAL B 195 -8.56 -19.45 18.34
CA VAL B 195 -8.20 -18.59 17.21
C VAL B 195 -8.98 -17.27 17.28
N LYS B 196 -10.28 -17.37 17.54
CA LYS B 196 -11.10 -16.18 17.73
C LYS B 196 -10.53 -15.28 18.82
N GLU B 197 -10.19 -15.86 19.97
CA GLU B 197 -9.65 -15.06 21.07
C GLU B 197 -8.40 -14.30 20.63
N HIS B 198 -7.45 -14.99 19.98
CA HIS B 198 -6.25 -14.32 19.52
C HIS B 198 -6.59 -13.22 18.51
N ALA B 199 -7.48 -13.52 17.56
CA ALA B 199 -7.78 -12.57 16.49
C ALA B 199 -8.40 -11.29 17.04
N LEU B 200 -9.25 -11.40 18.06
CA LEU B 200 -9.91 -10.23 18.62
C LEU B 200 -8.91 -9.28 19.27
N LYS B 201 -7.81 -9.79 19.82
CA LYS B 201 -6.81 -8.89 20.38
C LYS B 201 -6.07 -8.13 19.29
N MET B 202 -6.05 -8.65 18.06
CA MET B 202 -5.39 -7.95 16.97
C MET B 202 -6.27 -6.93 16.28
N ILE B 203 -7.60 -7.08 16.36
CA ILE B 203 -8.53 -6.17 15.70
C ILE B 203 -8.78 -4.99 16.63
N PRO B 204 -8.50 -3.75 16.20
CA PRO B 204 -8.70 -2.61 17.10
C PRO B 204 -10.12 -2.49 17.67
N LEU B 205 -11.15 -2.75 16.86
CA LEU B 205 -12.52 -2.73 17.40
C LEU B 205 -12.80 -3.90 18.33
N GLN B 206 -11.94 -4.91 18.35
CA GLN B 206 -12.03 -6.03 19.30
C GLN B 206 -13.33 -6.80 19.16
N ARG B 207 -13.80 -6.96 17.93
CA ARG B 207 -14.96 -7.79 17.65
C ARG B 207 -14.91 -8.20 16.19
N MET B 208 -15.65 -9.27 15.88
CA MET B 208 -15.83 -9.65 14.48
C MET B 208 -16.78 -8.67 13.80
N GLY B 209 -16.64 -8.57 12.48
CA GLY B 209 -17.59 -7.78 11.72
C GLY B 209 -18.87 -8.54 11.45
N GLN B 210 -19.96 -7.79 11.27
CA GLN B 210 -21.25 -8.36 10.90
C GLN B 210 -21.40 -8.36 9.38
N VAL B 211 -22.23 -9.26 8.85
CA VAL B 211 -22.32 -9.41 7.40
C VAL B 211 -22.77 -8.09 6.78
N ASP B 212 -23.66 -7.36 7.45
CA ASP B 212 -24.13 -6.13 6.83
C ASP B 212 -23.07 -5.03 6.83
N GLU B 213 -22.09 -5.09 7.74
CA GLU B 213 -21.00 -4.11 7.70
C GLU B 213 -20.14 -4.29 6.45
N VAL B 214 -20.06 -5.51 5.93
CA VAL B 214 -19.38 -5.74 4.64
C VAL B 214 -20.30 -5.36 3.48
N ALA B 215 -21.55 -5.81 3.54
CA ALA B 215 -22.48 -5.59 2.43
C ALA B 215 -22.70 -4.10 2.18
N SER B 216 -22.71 -3.29 3.25
CA SER B 216 -22.90 -1.86 3.09
C SER B 216 -21.84 -1.25 2.18
N VAL B 217 -20.60 -1.71 2.28
CA VAL B 217 -19.53 -1.18 1.45
C VAL B 217 -19.72 -1.60 0.00
N VAL B 218 -20.11 -2.86 -0.22
CA VAL B 218 -20.42 -3.30 -1.58
C VAL B 218 -21.57 -2.50 -2.14
N LYS B 219 -22.61 -2.31 -1.32
CA LYS B 219 -23.77 -1.53 -1.77
C LYS B 219 -23.38 -0.11 -2.15
N PHE B 220 -22.54 0.53 -1.33
CA PHE B 220 -22.08 1.88 -1.69
C PHE B 220 -21.35 1.88 -3.04
N LEU B 221 -20.39 0.96 -3.22
CA LEU B 221 -19.64 0.96 -4.48
C LEU B 221 -20.54 0.74 -5.69
N CYS B 222 -21.61 -0.04 -5.54
CA CYS B 222 -22.54 -0.26 -6.64
C CYS B 222 -23.46 0.92 -6.91
N SER B 223 -23.50 1.91 -6.02
CA SER B 223 -24.40 3.04 -6.18
C SER B 223 -23.86 4.02 -7.22
N ASP B 224 -24.77 4.83 -7.76
CA ASP B 224 -24.37 5.85 -8.74
C ASP B 224 -23.44 6.88 -8.11
N GLU B 225 -23.55 7.09 -6.79
CA GLU B 225 -22.72 8.08 -6.11
C GLU B 225 -21.25 7.72 -6.12
N ALA B 226 -20.91 6.44 -6.28
CA ALA B 226 -19.53 5.98 -6.23
C ALA B 226 -18.87 6.01 -7.62
N SER B 227 -19.32 6.90 -8.50
CA SER B 227 -18.89 6.89 -9.90
C SER B 227 -17.43 7.28 -10.10
N TYR B 228 -16.77 7.95 -9.14
CA TYR B 228 -15.37 8.31 -9.30
C TYR B 228 -14.43 7.38 -8.54
N VAL B 229 -14.94 6.28 -7.99
CA VAL B 229 -14.15 5.28 -7.28
C VAL B 229 -13.95 4.10 -8.21
N THR B 230 -12.72 3.87 -8.64
CA THR B 230 -12.43 2.68 -9.43
C THR B 230 -10.96 2.32 -9.22
N ARG B 231 -10.64 1.03 -9.43
CA ARG B 231 -9.30 0.47 -9.22
C ARG B 231 -8.94 0.32 -7.74
N GLN B 232 -9.92 0.37 -6.83
CA GLN B 232 -9.63 0.46 -5.39
C GLN B 232 -9.84 -0.87 -4.67
N VAL B 233 -9.07 -1.07 -3.60
CA VAL B 233 -9.31 -2.14 -2.63
C VAL B 233 -9.75 -1.46 -1.34
N ILE B 234 -11.00 -1.66 -0.93
CA ILE B 234 -11.50 -1.06 0.29
C ILE B 234 -11.58 -2.14 1.36
N SER B 235 -10.82 -1.94 2.43
CA SER B 235 -10.76 -2.90 3.52
C SER B 235 -11.86 -2.61 4.56
N VAL B 236 -12.58 -3.66 4.94
CA VAL B 236 -13.63 -3.57 5.96
C VAL B 236 -13.23 -4.57 7.04
N ASN B 237 -12.42 -4.11 8.00
CA ASN B 237 -11.71 -5.06 8.86
C ASN B 237 -11.56 -4.58 10.29
N GLY B 238 -12.33 -3.58 10.72
CA GLY B 238 -12.23 -3.12 12.09
C GLY B 238 -10.90 -2.51 12.47
N GLY B 239 -10.09 -2.09 11.50
CA GLY B 239 -8.78 -1.51 11.76
C GLY B 239 -7.63 -2.50 11.77
N LEU B 240 -7.85 -3.75 11.35
CA LEU B 240 -6.80 -4.77 11.44
C LEU B 240 -5.54 -4.33 10.69
N ILE B 241 -5.71 -3.76 9.50
CA ILE B 241 -4.64 -3.11 8.77
C ILE B 241 -5.27 -1.99 7.94
N THR C 2 -30.07 15.04 18.29
CA THR C 2 -29.52 15.02 16.93
C THR C 2 -28.00 15.08 16.96
N ARG C 3 -27.35 14.26 16.15
CA ARG C 3 -25.89 14.26 16.11
C ARG C 3 -25.38 15.39 15.23
N ARG C 4 -24.33 16.07 15.70
CA ARG C 4 -23.78 17.26 15.06
C ARG C 4 -22.38 16.98 14.54
N ILE C 5 -22.10 17.46 13.32
CA ILE C 5 -20.80 17.27 12.68
C ILE C 5 -20.23 18.62 12.31
N LEU C 6 -18.95 18.82 12.62
CA LEU C 6 -18.19 19.97 12.18
C LEU C 6 -17.48 19.63 10.87
N VAL C 7 -17.60 20.50 9.86
CA VAL C 7 -16.83 20.37 8.64
C VAL C 7 -16.00 21.64 8.48
N THR C 8 -14.67 21.53 8.54
CA THR C 8 -13.84 22.70 8.31
C THR C 8 -13.78 23.02 6.82
N GLY C 9 -13.55 24.29 6.52
CA GLY C 9 -13.49 24.75 5.14
C GLY C 9 -14.73 24.42 4.34
N SER C 10 -15.91 24.63 4.92
CA SER C 10 -17.14 24.16 4.31
C SER C 10 -17.97 25.29 3.69
N SER C 11 -17.37 26.46 3.46
CA SER C 11 -18.13 27.55 2.82
C SER C 11 -18.16 27.44 1.30
N ARG C 12 -17.32 26.59 0.70
CA ARG C 12 -17.31 26.42 -0.74
C ARG C 12 -16.69 25.06 -1.06
N GLY C 13 -16.76 24.69 -2.34
CA GLY C 13 -15.97 23.57 -2.86
C GLY C 13 -16.36 22.24 -2.25
N ILE C 14 -15.35 21.37 -2.08
CA ILE C 14 -15.58 20.04 -1.53
C ILE C 14 -16.20 20.13 -0.14
N GLY C 15 -15.69 21.04 0.69
CA GLY C 15 -16.19 21.12 2.06
C GLY C 15 -17.66 21.47 2.13
N LYS C 16 -18.11 22.39 1.26
CA LYS C 16 -19.52 22.70 1.18
C LYS C 16 -20.33 21.49 0.72
N ALA C 17 -19.83 20.76 -0.28
CA ALA C 17 -20.56 19.59 -0.77
C ALA C 17 -20.73 18.56 0.35
N ILE C 18 -19.69 18.36 1.17
CA ILE C 18 -19.75 17.43 2.30
C ILE C 18 -20.81 17.90 3.30
N ALA C 19 -20.78 19.18 3.67
CA ALA C 19 -21.73 19.71 4.64
C ALA C 19 -23.18 19.51 4.19
N LEU C 20 -23.45 19.79 2.91
CA LEU C 20 -24.82 19.64 2.40
C LEU C 20 -25.25 18.19 2.35
N GLN C 21 -24.34 17.27 1.96
CA GLN C 21 -24.71 15.86 1.93
C GLN C 21 -24.98 15.33 3.34
N LEU C 22 -24.19 15.78 4.32
CA LEU C 22 -24.39 15.32 5.69
C LEU C 22 -25.67 15.88 6.28
N ALA C 23 -26.02 17.13 5.94
CA ALA C 23 -27.31 17.68 6.35
C ALA C 23 -28.47 16.89 5.76
N LYS C 24 -28.37 16.54 4.47
CA LYS C 24 -29.40 15.71 3.85
C LYS C 24 -29.48 14.33 4.49
N ALA C 25 -28.37 13.81 4.98
CA ALA C 25 -28.39 12.51 5.65
C ALA C 25 -29.03 12.58 7.04
N GLY C 26 -29.34 13.78 7.54
CA GLY C 26 -29.97 13.92 8.83
C GLY C 26 -29.10 14.43 9.96
N PHE C 27 -27.86 14.83 9.69
CA PHE C 27 -27.01 15.41 10.73
C PHE C 27 -27.23 16.93 10.81
N ASP C 28 -27.13 17.46 12.02
CA ASP C 28 -26.89 18.89 12.15
C ASP C 28 -25.45 19.15 11.77
N VAL C 29 -25.19 20.26 11.07
CA VAL C 29 -23.88 20.51 10.49
C VAL C 29 -23.45 21.93 10.82
N THR C 30 -22.27 22.05 11.43
CA THR C 30 -21.68 23.34 11.74
C THR C 30 -20.65 23.69 10.67
N VAL C 31 -20.82 24.84 10.06
CA VAL C 31 -20.01 25.34 8.95
C VAL C 31 -18.80 26.07 9.51
N HIS C 32 -17.69 26.03 8.78
CA HIS C 32 -16.50 26.76 9.17
C HIS C 32 -15.86 27.42 7.96
N ALA C 33 -15.30 28.61 8.18
CA ALA C 33 -14.48 29.24 7.15
C ALA C 33 -13.34 30.01 7.79
N ARG C 34 -12.28 30.21 7.01
CA ARG C 34 -11.12 30.97 7.46
C ARG C 34 -11.37 32.47 7.44
N SER C 35 -11.98 33.00 6.38
CA SER C 35 -12.18 34.44 6.32
C SER C 35 -13.48 34.89 5.66
N ARG C 36 -14.14 34.08 4.84
CA ARG C 36 -15.27 34.60 4.06
C ARG C 36 -16.59 34.35 4.82
N GLN C 37 -16.93 35.29 5.71
CA GLN C 37 -18.09 35.12 6.59
C GLN C 37 -19.40 35.03 5.81
N ALA C 38 -19.57 35.88 4.80
CA ALA C 38 -20.83 35.85 4.03
C ALA C 38 -20.98 34.53 3.28
N GLU C 39 -19.89 34.03 2.70
CA GLU C 39 -19.92 32.73 2.05
C GLU C 39 -20.36 31.65 3.03
N ALA C 40 -19.79 31.65 4.23
CA ALA C 40 -20.17 30.68 5.26
C ALA C 40 -21.66 30.81 5.62
N GLU C 41 -22.15 32.04 5.77
CA GLU C 41 -23.55 32.21 6.16
C GLU C 41 -24.50 31.67 5.10
N GLN C 42 -24.11 31.74 3.82
CA GLN C 42 -24.97 31.19 2.77
C GLN C 42 -25.12 29.68 2.91
N VAL C 43 -24.03 28.98 3.23
CA VAL C 43 -24.12 27.54 3.43
C VAL C 43 -24.99 27.22 4.65
N VAL C 44 -24.82 27.98 5.74
CA VAL C 44 -25.68 27.81 6.90
C VAL C 44 -27.16 27.90 6.51
N GLN C 45 -27.51 28.92 5.71
CA GLN C 45 -28.90 29.10 5.32
C GLN C 45 -29.39 27.92 4.46
N GLU C 46 -28.52 27.38 3.60
CA GLU C 46 -28.93 26.22 2.81
C GLU C 46 -29.19 25.01 3.68
N ILE C 47 -28.37 24.83 4.72
CA ILE C 47 -28.56 23.69 5.63
C ILE C 47 -29.84 23.84 6.43
N GLN C 48 -30.10 25.06 6.92
CA GLN C 48 -31.34 25.31 7.63
C GLN C 48 -32.56 25.04 6.74
N ALA C 49 -32.46 25.42 5.46
CA ALA C 49 -33.57 25.17 4.54
C ALA C 49 -33.78 23.69 4.30
N LEU C 50 -32.73 22.87 4.45
CA LEU C 50 -32.86 21.43 4.38
C LEU C 50 -33.48 20.83 5.64
N GLY C 51 -33.68 21.62 6.69
CA GLY C 51 -34.34 21.16 7.88
C GLY C 51 -33.45 20.72 9.01
N GLN C 52 -32.16 21.08 9.01
CA GLN C 52 -31.25 20.78 10.09
C GLN C 52 -30.73 22.08 10.71
N ASN C 53 -30.21 21.98 11.92
CA ASN C 53 -29.61 23.12 12.60
C ASN C 53 -28.21 23.41 12.06
N SER C 54 -27.89 24.69 11.90
CA SER C 54 -26.56 25.08 11.45
C SER C 54 -26.23 26.48 11.95
N HIS C 55 -24.93 26.71 12.13
CA HIS C 55 -24.34 28.02 12.33
C HIS C 55 -22.90 27.89 11.84
N TYR C 56 -22.17 29.01 11.80
CA TYR C 56 -20.80 28.93 11.32
C TYR C 56 -19.81 29.44 12.35
N LEU C 57 -18.59 28.93 12.25
CA LEU C 57 -17.47 29.34 13.08
C LEU C 57 -16.38 29.89 12.18
N MET C 58 -15.71 30.95 12.61
CA MET C 58 -14.65 31.59 11.83
C MET C 58 -13.33 31.42 12.57
N PHE C 59 -12.36 30.76 11.92
CA PHE C 59 -11.01 30.76 12.46
C PHE C 59 -10.03 30.27 11.41
N ASP C 60 -8.80 30.76 11.53
CA ASP C 60 -7.66 30.19 10.85
C ASP C 60 -7.21 28.96 11.62
N VAL C 61 -7.15 27.79 10.97
CA VAL C 61 -6.84 26.56 11.69
C VAL C 61 -5.44 26.56 12.28
N ASN C 62 -4.58 27.51 11.88
CA ASN C 62 -3.23 27.64 12.42
C ASN C 62 -3.17 28.44 13.72
N GLU C 63 -4.21 29.20 14.05
CA GLU C 63 -4.22 30.01 15.27
C GLU C 63 -4.68 29.14 16.43
N ARG C 64 -3.72 28.39 16.99
CA ARG C 64 -4.03 27.30 17.91
C ARG C 64 -4.92 27.74 19.08
N GLN C 65 -4.55 28.82 19.76
CA GLN C 65 -5.31 29.21 20.93
C GLN C 65 -6.70 29.74 20.57
N THR C 66 -6.83 30.40 19.41
CA THR C 66 -8.13 30.87 18.96
C THR C 66 -9.05 29.69 18.63
N VAL C 67 -8.50 28.70 17.91
CA VAL C 67 -9.27 27.51 17.58
C VAL C 67 -9.77 26.86 18.86
N GLN C 68 -8.90 26.70 19.85
CA GLN C 68 -9.31 26.05 21.09
C GLN C 68 -10.41 26.82 21.80
N GLN C 69 -10.25 28.14 21.90
CA GLN C 69 -11.25 28.95 22.60
C GLN C 69 -12.60 28.88 21.90
N ILE C 70 -12.60 29.06 20.57
CA ILE C 70 -13.85 29.04 19.81
C ILE C 70 -14.51 27.67 19.92
N LEU C 71 -13.72 26.60 19.79
CA LEU C 71 -14.31 25.27 19.80
C LEU C 71 -14.82 24.90 21.19
N GLU C 72 -14.09 25.26 22.24
CA GLU C 72 -14.57 24.95 23.58
C GLU C 72 -15.84 25.73 23.90
N GLN C 73 -15.90 27.01 23.48
CA GLN C 73 -17.12 27.78 23.65
C GLN C 73 -18.28 27.17 22.85
N ASP C 74 -18.02 26.73 21.61
CA ASP C 74 -19.08 26.13 20.81
C ASP C 74 -19.60 24.84 21.43
N VAL C 75 -18.72 24.02 21.99
CA VAL C 75 -19.14 22.77 22.62
C VAL C 75 -19.92 23.06 23.90
N GLU C 76 -19.52 24.09 24.64
CA GLU C 76 -20.30 24.49 25.81
C GLU C 76 -21.71 24.90 25.42
N GLN C 77 -21.86 25.61 24.31
CA GLN C 77 -23.17 26.14 23.94
C GLN C 77 -24.04 25.07 23.29
N HIS C 78 -23.45 24.21 22.46
CA HIS C 78 -24.22 23.35 21.59
C HIS C 78 -23.98 21.87 21.79
N GLY C 79 -23.11 21.48 22.72
CA GLY C 79 -22.79 20.09 22.97
C GLY C 79 -21.63 19.60 22.12
N GLY C 80 -21.11 18.42 22.49
CA GLY C 80 -20.00 17.86 21.74
C GLY C 80 -20.36 17.50 20.31
N PHE C 81 -19.35 17.48 19.45
CA PHE C 81 -19.54 17.03 18.07
C PHE C 81 -19.48 15.51 18.01
N TYR C 82 -20.48 14.92 17.34
CA TYR C 82 -20.45 13.50 17.05
C TYR C 82 -19.44 13.17 15.95
N GLY C 83 -19.26 14.11 15.03
CA GLY C 83 -18.36 13.90 13.90
C GLY C 83 -17.55 15.14 13.62
N VAL C 84 -16.35 14.94 13.09
CA VAL C 84 -15.52 16.03 12.60
C VAL C 84 -14.96 15.62 11.26
N VAL C 85 -15.15 16.47 10.26
CA VAL C 85 -14.53 16.29 8.96
C VAL C 85 -13.47 17.36 8.81
N LEU C 86 -12.21 16.93 8.81
CA LEU C 86 -11.07 17.85 8.69
C LEU C 86 -10.75 18.07 7.23
N ASN C 87 -11.11 19.24 6.73
CA ASN C 87 -10.87 19.67 5.35
C ASN C 87 -9.96 20.90 5.44
N ALA C 88 -8.67 20.66 5.62
CA ALA C 88 -7.74 21.74 5.90
C ALA C 88 -6.44 21.52 5.17
N GLY C 89 -5.97 22.56 4.50
CA GLY C 89 -4.77 22.46 3.71
C GLY C 89 -4.75 23.52 2.64
N LEU C 90 -3.54 23.83 2.22
CA LEU C 90 -3.34 24.69 1.06
C LEU C 90 -2.12 24.19 0.34
N THR C 91 -1.96 24.62 -0.90
CA THR C 91 -0.78 24.36 -1.70
C THR C 91 0.05 25.64 -1.82
N HIS C 92 1.36 25.45 -1.95
CA HIS C 92 2.29 26.50 -2.36
C HIS C 92 3.27 25.76 -3.27
N ASP C 93 2.90 25.57 -4.54
CA ASP C 93 3.67 24.70 -5.40
C ASP C 93 4.98 25.36 -5.83
N GLY C 94 5.93 24.52 -6.21
CA GLY C 94 7.21 24.94 -6.72
C GLY C 94 8.24 23.85 -6.58
N ALA C 95 9.32 23.99 -7.35
CA ALA C 95 10.43 23.04 -7.22
C ALA C 95 11.03 23.12 -5.83
N PHE C 96 11.41 21.96 -5.28
CA PHE C 96 11.88 21.93 -3.89
C PHE C 96 13.00 22.92 -3.61
N PRO C 97 14.06 23.01 -4.43
CA PRO C 97 15.08 24.04 -4.16
C PRO C 97 14.54 25.45 -4.14
N ALA C 98 13.41 25.71 -4.79
CA ALA C 98 12.85 27.05 -4.93
C ALA C 98 11.77 27.38 -3.92
N LEU C 99 11.33 26.41 -3.11
CA LEU C 99 10.31 26.70 -2.10
C LEU C 99 10.85 27.69 -1.08
N THR C 100 10.05 28.72 -0.76
CA THR C 100 10.40 29.64 0.30
C THR C 100 10.05 29.03 1.66
N ASP C 101 10.56 29.67 2.72
CA ASP C 101 10.20 29.25 4.08
C ASP C 101 8.69 29.21 4.27
N GLN C 102 7.99 30.26 3.80
CA GLN C 102 6.54 30.25 3.94
C GLN C 102 5.89 29.19 3.06
N ASP C 103 6.42 28.96 1.85
CA ASP C 103 5.85 27.92 1.00
C ASP C 103 5.83 26.58 1.73
N TRP C 104 6.93 26.28 2.42
CA TRP C 104 7.04 25.04 3.17
C TRP C 104 6.16 25.08 4.42
N ASP C 105 6.38 26.08 5.28
CA ASP C 105 5.79 26.07 6.62
C ASP C 105 4.28 26.17 6.58
N GLU C 106 3.73 27.03 5.71
CA GLU C 106 2.28 27.21 5.70
C GLU C 106 1.56 25.97 5.19
N VAL C 107 2.19 25.21 4.30
CA VAL C 107 1.58 23.98 3.80
C VAL C 107 1.64 22.88 4.84
N ILE C 108 2.80 22.70 5.49
CA ILE C 108 2.92 21.69 6.53
C ILE C 108 1.95 21.99 7.67
N SER C 109 1.94 23.24 8.15
CA SER C 109 1.19 23.57 9.35
C SER C 109 -0.32 23.53 9.11
N THR C 110 -0.78 24.02 7.95
CA THR C 110 -2.22 24.07 7.75
C THR C 110 -2.83 22.67 7.80
N SER C 111 -2.14 21.67 7.25
CA SER C 111 -2.66 20.30 7.32
C SER C 111 -2.42 19.67 8.70
N LEU C 112 -1.19 19.73 9.20
CA LEU C 112 -0.84 18.96 10.39
C LEU C 112 -1.12 19.70 11.70
N ASP C 113 -0.82 20.99 11.79
CA ASP C 113 -1.27 21.72 12.96
C ASP C 113 -2.78 21.86 12.95
N GLY C 114 -3.39 21.94 11.76
CA GLY C 114 -4.83 21.92 11.67
C GLY C 114 -5.44 20.68 12.31
N PHE C 115 -4.86 19.51 12.03
CA PHE C 115 -5.29 18.26 12.68
C PHE C 115 -5.26 18.39 14.19
N TYR C 116 -4.10 18.79 14.74
CA TYR C 116 -3.94 18.89 16.18
C TYR C 116 -4.85 19.98 16.75
N ASN C 117 -4.85 21.16 16.14
CA ASN C 117 -5.54 22.31 16.70
C ASN C 117 -7.04 22.10 16.75
N VAL C 118 -7.60 21.45 15.72
CA VAL C 118 -9.04 21.25 15.67
C VAL C 118 -9.47 20.04 16.47
N LEU C 119 -8.72 18.93 16.36
CA LEU C 119 -9.21 17.68 16.98
C LEU C 119 -8.89 17.59 18.47
N LYS C 120 -7.76 18.14 18.93
CA LYS C 120 -7.44 18.03 20.34
C LYS C 120 -8.55 18.55 21.26
N PRO C 121 -9.18 19.71 21.02
CA PRO C 121 -10.27 20.14 21.90
C PRO C 121 -11.57 19.36 21.73
N LEU C 122 -11.70 18.51 20.70
CA LEU C 122 -12.98 17.88 20.41
C LEU C 122 -13.06 16.39 20.74
N ILE C 123 -11.93 15.73 21.02
CA ILE C 123 -11.96 14.27 21.22
C ILE C 123 -12.74 13.92 22.48
N MET C 124 -12.45 14.60 23.59
CA MET C 124 -13.14 14.22 24.83
C MET C 124 -14.62 14.57 24.76
N PRO C 125 -15.01 15.76 24.26
CA PRO C 125 -16.45 16.01 24.08
C PRO C 125 -17.14 14.99 23.20
N MET C 126 -16.45 14.48 22.16
CA MET C 126 -17.01 13.40 21.35
C MET C 126 -17.19 12.13 22.18
N ILE C 127 -16.14 11.72 22.89
CA ILE C 127 -16.20 10.54 23.73
C ILE C 127 -17.34 10.65 24.74
N HIS C 128 -17.52 11.83 25.33
CA HIS C 128 -18.52 12.02 26.38
C HIS C 128 -19.95 11.93 25.85
N LEU C 129 -20.15 11.89 24.53
CA LEU C 129 -21.49 11.62 24.02
C LEU C 129 -21.92 10.19 24.30
N ARG C 130 -20.98 9.28 24.52
CA ARG C 130 -21.26 7.86 24.77
C ARG C 130 -22.10 7.24 23.65
N LYS C 131 -21.75 7.57 22.39
CA LYS C 131 -22.46 6.96 21.27
C LYS C 131 -21.54 6.78 20.06
N GLY C 132 -20.26 6.50 20.30
CA GLY C 132 -19.34 6.39 19.18
C GLY C 132 -19.07 7.75 18.56
N GLY C 133 -18.67 7.72 17.29
CA GLY C 133 -18.34 8.96 16.62
C GLY C 133 -17.69 8.69 15.27
N ARG C 134 -17.41 9.78 14.57
CA ARG C 134 -16.87 9.72 13.21
C ARG C 134 -15.85 10.84 13.04
N ILE C 135 -14.65 10.50 12.59
CA ILE C 135 -13.66 11.48 12.18
C ILE C 135 -13.19 11.10 10.79
N VAL C 136 -13.24 12.06 9.86
CA VAL C 136 -12.80 11.86 8.49
C VAL C 136 -11.84 12.99 8.14
N THR C 137 -10.63 12.65 7.70
CA THR C 137 -9.68 13.64 7.24
C THR C 137 -9.61 13.62 5.71
N LEU C 138 -9.36 14.78 5.13
CA LEU C 138 -9.21 14.89 3.67
C LEU C 138 -7.72 15.01 3.36
N SER C 139 -7.18 14.00 2.70
CA SER C 139 -5.80 14.07 2.25
C SER C 139 -5.81 14.34 0.76
N SER C 140 -5.00 13.61 0.00
CA SER C 140 -4.86 13.82 -1.44
C SER C 140 -4.06 12.67 -2.03
N VAL C 141 -4.28 12.39 -3.31
CA VAL C 141 -3.45 11.39 -4.01
C VAL C 141 -1.97 11.73 -3.88
N SER C 142 -1.63 13.03 -3.78
CA SER C 142 -0.23 13.41 -3.64
C SER C 142 0.38 12.93 -2.33
N GLY C 143 -0.43 12.81 -1.28
CA GLY C 143 0.05 12.25 -0.03
C GLY C 143 0.33 10.76 -0.11
N ILE C 144 -0.27 10.07 -1.08
CA ILE C 144 -0.03 8.65 -1.23
C ILE C 144 1.22 8.38 -2.06
N MET C 145 1.34 9.05 -3.21
CA MET C 145 2.39 8.71 -4.16
C MET C 145 3.39 9.83 -4.43
N GLY C 146 3.16 11.04 -3.94
CA GLY C 146 4.03 12.17 -4.23
C GLY C 146 3.72 12.80 -5.58
N ASN C 147 4.17 14.04 -5.74
CA ASN C 147 3.92 14.77 -6.98
C ASN C 147 4.99 15.83 -7.15
N ARG C 148 5.48 15.97 -8.40
CA ARG C 148 6.48 16.99 -8.72
C ARG C 148 5.94 18.38 -8.39
N GLY C 149 6.81 19.23 -7.86
CA GLY C 149 6.42 20.58 -7.50
C GLY C 149 5.63 20.68 -6.22
N GLN C 150 5.45 19.57 -5.51
CA GLN C 150 4.62 19.50 -4.33
C GLN C 150 5.28 18.67 -3.25
N VAL C 151 6.59 18.84 -3.05
CA VAL C 151 7.24 18.12 -1.96
C VAL C 151 6.63 18.53 -0.63
N ASN C 152 6.31 19.82 -0.47
CA ASN C 152 5.67 20.28 0.76
C ASN C 152 4.26 19.71 0.89
N TYR C 153 3.45 19.81 -0.16
CA TYR C 153 2.07 19.32 -0.09
C TYR C 153 2.01 17.81 0.09
N SER C 154 2.88 17.06 -0.63
CA SER C 154 2.87 15.60 -0.48
C SER C 154 3.23 15.20 0.94
N ALA C 155 4.19 15.92 1.56
CA ALA C 155 4.54 15.65 2.95
C ALA C 155 3.38 15.96 3.89
N ALA C 156 2.72 17.09 3.67
CA ALA C 156 1.62 17.48 4.56
C ALA C 156 0.48 16.48 4.50
N LYS C 157 0.13 16.05 3.29
CA LYS C 157 -1.01 15.15 3.12
C LYS C 157 -0.64 13.70 3.47
N ALA C 158 0.62 13.30 3.30
CA ALA C 158 1.03 11.99 3.80
C ALA C 158 1.01 11.96 5.34
N GLY C 159 1.49 13.03 5.98
CA GLY C 159 1.45 13.09 7.43
C GLY C 159 0.03 13.01 7.95
N LEU C 160 -0.92 13.60 7.23
CA LEU C 160 -2.32 13.51 7.62
C LEU C 160 -2.78 12.06 7.66
N ILE C 161 -2.32 11.24 6.69
CA ILE C 161 -2.65 9.83 6.67
C ILE C 161 -2.11 9.12 7.91
N GLY C 162 -0.83 9.35 8.25
CA GLY C 162 -0.27 8.70 9.42
C GLY C 162 -0.98 9.09 10.71
N ALA C 163 -1.30 10.38 10.86
CA ALA C 163 -2.04 10.83 12.04
C ALA C 163 -3.39 10.15 12.14
N THR C 164 -4.10 10.06 11.01
CA THR C 164 -5.43 9.44 10.96
C THR C 164 -5.37 7.99 11.41
N LYS C 165 -4.40 7.23 10.88
CA LYS C 165 -4.30 5.81 11.22
C LYS C 165 -3.98 5.61 12.69
N ALA C 166 -3.06 6.42 13.24
CA ALA C 166 -2.73 6.30 14.65
C ALA C 166 -3.94 6.64 15.53
N LEU C 167 -4.67 7.71 15.19
CA LEU C 167 -5.82 8.08 16.00
C LEU C 167 -6.91 7.02 15.95
N ALA C 168 -7.10 6.39 14.78
CA ALA C 168 -8.05 5.29 14.67
C ALA C 168 -7.74 4.22 15.71
N LEU C 169 -6.46 3.92 15.91
CA LEU C 169 -6.10 2.91 16.91
C LEU C 169 -6.44 3.37 18.33
N GLU C 170 -6.23 4.65 18.63
CA GLU C 170 -6.51 5.13 19.99
C GLU C 170 -8.00 5.16 20.31
N LEU C 171 -8.85 5.37 19.30
CA LEU C 171 -10.27 5.58 19.55
C LEU C 171 -11.15 4.39 19.17
N ALA C 172 -10.56 3.30 18.69
CA ALA C 172 -11.38 2.20 18.17
C ALA C 172 -12.28 1.62 19.26
N LYS C 173 -11.77 1.48 20.48
CA LYS C 173 -12.61 0.93 21.55
C LYS C 173 -13.73 1.87 21.99
N ARG C 174 -13.68 3.14 21.60
CA ARG C 174 -14.77 4.09 21.84
C ARG C 174 -15.86 4.00 20.79
N LYS C 175 -15.71 3.12 19.79
CA LYS C 175 -16.64 3.03 18.66
C LYS C 175 -16.64 4.32 17.83
N ILE C 176 -15.51 5.03 17.86
CA ILE C 176 -15.24 6.16 16.99
C ILE C 176 -14.38 5.64 15.84
N THR C 177 -14.88 5.68 14.61
CA THR C 177 -14.05 5.35 13.47
C THR C 177 -13.32 6.59 12.97
N VAL C 178 -12.11 6.37 12.45
CA VAL C 178 -11.24 7.44 12.00
C VAL C 178 -10.67 7.03 10.66
N ASN C 179 -11.01 7.76 9.61
CA ASN C 179 -10.64 7.37 8.26
C ASN C 179 -10.21 8.61 7.50
N CYS C 180 -9.59 8.38 6.36
CA CYS C 180 -9.07 9.41 5.49
C CYS C 180 -9.61 9.21 4.08
N VAL C 181 -10.05 10.30 3.45
CA VAL C 181 -10.45 10.28 2.05
C VAL C 181 -9.42 11.05 1.25
N ALA C 182 -8.87 10.42 0.22
CA ALA C 182 -7.78 10.99 -0.58
C ALA C 182 -8.27 11.27 -2.00
N PRO C 183 -8.75 12.49 -2.28
CA PRO C 183 -9.22 12.80 -3.63
C PRO C 183 -8.07 12.92 -4.62
N GLY C 184 -8.38 12.60 -5.88
CA GLY C 184 -7.46 12.91 -6.96
C GLY C 184 -7.66 14.32 -7.47
N LEU C 185 -7.86 14.49 -8.77
CA LEU C 185 -8.05 15.81 -9.37
C LEU C 185 -9.56 16.13 -9.41
N ILE C 186 -9.98 17.12 -8.63
CA ILE C 186 -11.40 17.42 -8.42
C ILE C 186 -11.71 18.81 -8.96
N GLU C 187 -12.91 18.96 -9.53
CA GLU C 187 -13.43 20.29 -9.85
C GLU C 187 -13.49 21.17 -8.60
N THR C 188 -13.22 22.46 -8.79
CA THR C 188 -13.18 23.56 -7.83
C THR C 188 -11.89 23.55 -7.01
N GLU C 189 -11.01 22.57 -7.15
CA GLU C 189 -9.80 22.55 -6.37
C GLU C 189 -8.74 23.41 -7.05
N MET C 190 -8.10 24.27 -6.28
CA MET C 190 -7.14 25.21 -6.84
C MET C 190 -5.83 24.49 -7.12
N VAL C 191 -5.56 24.24 -8.40
CA VAL C 191 -4.39 23.50 -8.85
C VAL C 191 -3.71 24.30 -9.96
N THR C 192 -2.39 24.17 -10.05
CA THR C 192 -1.64 24.78 -11.15
C THR C 192 -2.05 24.13 -12.47
N ASP C 193 -1.83 24.87 -13.57
CA ASP C 193 -2.08 24.27 -14.89
C ASP C 193 -1.20 23.05 -15.10
N GLU C 194 0.04 23.10 -14.60
CA GLU C 194 0.95 21.96 -14.67
C GLU C 194 0.32 20.72 -14.05
N VAL C 195 -0.10 20.83 -12.79
CA VAL C 195 -0.64 19.67 -12.07
C VAL C 195 -1.91 19.17 -12.76
N LYS C 196 -2.74 20.09 -13.27
CA LYS C 196 -3.99 19.69 -13.90
C LYS C 196 -3.75 18.91 -15.19
N GLU C 197 -2.81 19.37 -16.02
CA GLU C 197 -2.50 18.66 -17.25
C GLU C 197 -1.88 17.29 -16.96
N HIS C 198 -0.87 17.25 -16.09
CA HIS C 198 -0.24 15.98 -15.76
C HIS C 198 -1.27 14.96 -15.27
N ALA C 199 -2.24 15.40 -14.46
CA ALA C 199 -3.22 14.47 -13.91
C ALA C 199 -4.17 13.95 -14.98
N LEU C 200 -4.66 14.82 -15.87
CA LEU C 200 -5.72 14.41 -16.78
C LEU C 200 -5.29 13.27 -17.71
N LYS C 201 -4.02 13.25 -18.09
CA LYS C 201 -3.56 12.20 -18.99
C LYS C 201 -3.43 10.86 -18.29
N MET C 202 -3.35 10.87 -16.96
CA MET C 202 -3.13 9.67 -16.16
C MET C 202 -4.39 9.11 -15.52
N ILE C 203 -5.54 9.79 -15.64
CA ILE C 203 -6.76 9.37 -14.94
C ILE C 203 -7.53 8.44 -15.86
N PRO C 204 -7.75 7.17 -15.46
CA PRO C 204 -8.45 6.23 -16.36
C PRO C 204 -9.84 6.70 -16.77
N LEU C 205 -10.58 7.37 -15.88
CA LEU C 205 -11.89 7.89 -16.27
C LEU C 205 -11.81 9.13 -17.16
N GLN C 206 -10.61 9.69 -17.35
CA GLN C 206 -10.35 10.75 -18.33
C GLN C 206 -11.14 12.03 -18.05
N ARG C 207 -11.32 12.35 -16.78
CA ARG C 207 -12.04 13.57 -16.39
C ARG C 207 -11.70 13.87 -14.94
N MET C 208 -11.90 15.13 -14.57
CA MET C 208 -11.86 15.50 -13.17
C MET C 208 -13.06 14.94 -12.43
N GLY C 209 -12.90 14.76 -11.12
CA GLY C 209 -14.03 14.40 -10.29
C GLY C 209 -14.90 15.61 -9.94
N GLN C 210 -16.17 15.33 -9.69
CA GLN C 210 -17.09 16.36 -9.20
C GLN C 210 -17.07 16.39 -7.68
N VAL C 211 -17.43 17.55 -7.12
CA VAL C 211 -17.35 17.70 -5.66
C VAL C 211 -18.23 16.69 -4.95
N ASP C 212 -19.37 16.33 -5.55
CA ASP C 212 -20.25 15.37 -4.88
C ASP C 212 -19.72 13.95 -4.95
N GLU C 213 -18.87 13.64 -5.93
CA GLU C 213 -18.25 12.33 -5.97
C GLU C 213 -17.26 12.13 -4.82
N VAL C 214 -16.69 13.21 -4.30
CA VAL C 214 -15.89 13.12 -3.08
C VAL C 214 -16.80 13.14 -1.85
N ALA C 215 -17.77 14.06 -1.82
CA ALA C 215 -18.62 14.21 -0.65
C ALA C 215 -19.39 12.92 -0.34
N SER C 216 -19.78 12.17 -1.39
CA SER C 216 -20.53 10.93 -1.17
C SER C 216 -19.73 9.90 -0.38
N VAL C 217 -18.41 9.82 -0.63
CA VAL C 217 -17.58 8.89 0.13
C VAL C 217 -17.49 9.32 1.59
N VAL C 218 -17.30 10.61 1.84
CA VAL C 218 -17.27 11.11 3.22
C VAL C 218 -18.60 10.82 3.89
N LYS C 219 -19.70 11.10 3.19
CA LYS C 219 -21.02 10.84 3.74
C LYS C 219 -21.19 9.38 4.11
N PHE C 220 -20.76 8.47 3.23
CA PHE C 220 -20.87 7.05 3.55
C PHE C 220 -20.08 6.71 4.81
N LEU C 221 -18.82 7.16 4.90
CA LEU C 221 -18.02 6.86 6.08
C LEU C 221 -18.67 7.41 7.37
N CYS C 222 -19.34 8.55 7.28
CA CYS C 222 -20.01 9.12 8.45
C CYS C 222 -21.30 8.39 8.82
N SER C 223 -21.80 7.51 7.95
CA SER C 223 -23.06 6.82 8.23
C SER C 223 -22.85 5.68 9.24
N ASP C 224 -23.96 5.29 9.88
CA ASP C 224 -23.91 4.19 10.83
C ASP C 224 -23.49 2.88 10.15
N GLU C 225 -23.78 2.74 8.85
CA GLU C 225 -23.46 1.53 8.11
C GLU C 225 -21.96 1.27 8.03
N ALA C 226 -21.14 2.32 8.12
CA ALA C 226 -19.69 2.19 7.94
C ALA C 226 -18.98 1.86 9.24
N SER C 227 -19.66 1.20 10.18
CA SER C 227 -19.15 1.05 11.54
C SER C 227 -17.94 0.12 11.64
N TYR C 228 -17.69 -0.73 10.65
CA TYR C 228 -16.53 -1.62 10.70
C TYR C 228 -15.37 -1.12 9.82
N VAL C 229 -15.46 0.09 9.28
CA VAL C 229 -14.41 0.69 8.47
C VAL C 229 -13.69 1.69 9.35
N THR C 230 -12.43 1.41 9.70
CA THR C 230 -11.62 2.39 10.41
C THR C 230 -10.15 2.15 10.05
N ARG C 231 -9.34 3.19 10.23
CA ARG C 231 -7.90 3.17 9.92
C ARG C 231 -7.62 3.20 8.42
N GLN C 232 -8.62 3.54 7.60
CA GLN C 232 -8.50 3.37 6.16
C GLN C 232 -8.21 4.70 5.45
N VAL C 233 -7.52 4.60 4.31
CA VAL C 233 -7.40 5.70 3.35
C VAL C 233 -8.16 5.28 2.10
N ILE C 234 -9.26 5.96 1.81
CA ILE C 234 -10.08 5.64 0.66
C ILE C 234 -9.81 6.67 -0.43
N SER C 235 -9.32 6.21 -1.57
CA SER C 235 -8.96 7.07 -2.69
C SER C 235 -10.16 7.26 -3.60
N VAL C 236 -10.43 8.51 -3.93
CA VAL C 236 -11.53 8.88 -4.83
C VAL C 236 -10.87 9.65 -5.96
N ASN C 237 -10.40 8.94 -6.99
CA ASN C 237 -9.47 9.55 -7.94
C ASN C 237 -9.66 9.07 -9.37
N GLY C 238 -10.79 8.44 -9.69
CA GLY C 238 -11.01 8.04 -11.08
C GLY C 238 -10.10 6.94 -11.57
N GLY C 239 -9.42 6.23 -10.67
CA GLY C 239 -8.48 5.19 -11.05
C GLY C 239 -7.03 5.62 -11.14
N LEU C 240 -6.74 6.88 -10.80
CA LEU C 240 -5.38 7.42 -10.96
C LEU C 240 -4.35 6.52 -10.29
N ILE C 241 -4.62 6.06 -9.07
CA ILE C 241 -3.84 5.01 -8.44
C ILE C 241 -4.75 4.20 -7.53
N THR D 2 28.81 -25.54 1.31
CA THR D 2 28.53 -24.22 0.75
C THR D 2 27.04 -24.12 0.44
N ARG D 3 26.46 -22.96 0.70
CA ARG D 3 25.02 -22.79 0.51
C ARG D 3 24.68 -22.70 -0.97
N ARG D 4 23.63 -23.41 -1.37
CA ARG D 4 23.26 -23.58 -2.77
C ARG D 4 21.89 -22.95 -3.02
N ILE D 5 21.76 -22.24 -4.14
CA ILE D 5 20.52 -21.54 -4.48
C ILE D 5 20.05 -22.01 -5.85
N LEU D 6 18.76 -22.36 -5.94
CA LEU D 6 18.10 -22.62 -7.21
C LEU D 6 17.51 -21.33 -7.78
N VAL D 7 17.81 -21.02 -9.04
CA VAL D 7 17.17 -19.91 -9.75
C VAL D 7 16.41 -20.45 -10.96
N THR D 8 15.08 -20.30 -10.96
CA THR D 8 14.31 -20.79 -12.11
C THR D 8 14.42 -19.81 -13.27
N GLY D 9 14.35 -20.35 -14.48
CA GLY D 9 14.51 -19.58 -15.70
C GLY D 9 15.79 -18.76 -15.74
N SER D 10 16.93 -19.39 -15.43
CA SER D 10 18.19 -18.67 -15.29
C SER D 10 19.13 -18.90 -16.48
N SER D 11 18.62 -19.40 -17.61
CA SER D 11 19.48 -19.51 -18.78
C SER D 11 19.65 -18.20 -19.55
N ARG D 12 18.88 -17.17 -19.23
CA ARG D 12 18.93 -15.92 -19.99
C ARG D 12 18.24 -14.83 -19.17
N GLY D 13 18.45 -13.59 -19.61
CA GLY D 13 17.66 -12.48 -19.09
C GLY D 13 17.90 -12.21 -17.61
N ILE D 14 16.83 -11.82 -16.92
CA ILE D 14 16.91 -11.49 -15.50
C ILE D 14 17.37 -12.69 -14.69
N GLY D 15 16.84 -13.88 -14.98
CA GLY D 15 17.25 -15.07 -14.25
C GLY D 15 18.72 -15.37 -14.37
N LYS D 16 19.29 -15.19 -15.57
CA LYS D 16 20.73 -15.38 -15.73
C LYS D 16 21.52 -14.35 -14.93
N ALA D 17 21.11 -13.08 -14.97
CA ALA D 17 21.81 -12.06 -14.19
C ALA D 17 21.75 -12.36 -12.71
N ILE D 18 20.62 -12.86 -12.23
CA ILE D 18 20.50 -13.25 -10.82
C ILE D 18 21.49 -14.37 -10.49
N ALA D 19 21.50 -15.43 -11.32
CA ALA D 19 22.40 -16.56 -11.08
C ALA D 19 23.85 -16.10 -11.01
N LEU D 20 24.27 -15.26 -11.96
CA LEU D 20 25.66 -14.80 -11.97
C LEU D 20 25.99 -13.94 -10.76
N GLN D 21 25.08 -13.06 -10.34
CA GLN D 21 25.37 -12.23 -9.18
C GLN D 21 25.44 -13.04 -7.89
N LEU D 22 24.55 -14.04 -7.76
CA LEU D 22 24.58 -14.89 -6.59
C LEU D 22 25.86 -15.73 -6.55
N ALA D 23 26.32 -16.20 -7.71
CA ALA D 23 27.61 -16.89 -7.74
C ALA D 23 28.75 -15.96 -7.31
N LYS D 24 28.76 -14.73 -7.85
CA LYS D 24 29.80 -13.76 -7.46
C LYS D 24 29.76 -13.46 -5.96
N ALA D 25 28.57 -13.50 -5.36
CA ALA D 25 28.43 -13.30 -3.92
C ALA D 25 28.85 -14.52 -3.11
N GLY D 26 29.19 -15.64 -3.75
CA GLY D 26 29.72 -16.78 -3.02
C GLY D 26 28.79 -17.96 -2.86
N PHE D 27 27.62 -17.94 -3.49
CA PHE D 27 26.73 -19.10 -3.46
C PHE D 27 27.06 -20.08 -4.57
N ASP D 28 26.88 -21.38 -4.30
CA ASP D 28 26.69 -22.34 -5.38
C ASP D 28 25.31 -22.10 -5.96
N VAL D 29 25.20 -22.14 -7.28
CA VAL D 29 23.97 -21.78 -7.98
C VAL D 29 23.61 -22.90 -8.96
N THR D 30 22.40 -23.43 -8.82
CA THR D 30 21.88 -24.42 -9.76
C THR D 30 20.99 -23.71 -10.79
N VAL D 31 21.33 -23.86 -12.06
CA VAL D 31 20.64 -23.20 -13.16
C VAL D 31 19.42 -24.03 -13.56
N HIS D 32 18.39 -23.37 -14.07
CA HIS D 32 17.21 -24.08 -14.56
C HIS D 32 16.71 -23.45 -15.85
N ALA D 33 16.17 -24.30 -16.73
CA ALA D 33 15.45 -23.82 -17.91
C ALA D 33 14.41 -24.86 -18.31
N ARG D 34 13.42 -24.41 -19.06
CA ARG D 34 12.40 -25.34 -19.54
C ARG D 34 12.92 -26.17 -20.71
N SER D 35 13.57 -25.52 -21.69
CA SER D 35 13.95 -26.22 -22.91
C SER D 35 15.32 -25.85 -23.47
N ARG D 36 15.85 -24.67 -23.22
CA ARG D 36 17.09 -24.26 -23.89
C ARG D 36 18.28 -24.82 -23.12
N GLN D 37 18.65 -26.06 -23.46
CA GLN D 37 19.64 -26.79 -22.69
C GLN D 37 21.04 -26.21 -22.86
N ALA D 38 21.43 -25.91 -24.10
CA ALA D 38 22.77 -25.37 -24.35
C ALA D 38 22.94 -24.00 -23.72
N GLU D 39 21.88 -23.19 -23.71
CA GLU D 39 21.94 -21.90 -23.04
C GLU D 39 22.16 -22.08 -21.54
N ALA D 40 21.47 -23.05 -20.93
CA ALA D 40 21.67 -23.32 -19.51
C ALA D 40 23.10 -23.77 -19.24
N GLU D 41 23.67 -24.60 -20.12
CA GLU D 41 25.03 -25.08 -19.88
C GLU D 41 26.05 -23.95 -19.95
N GLN D 42 25.81 -22.93 -20.78
CA GLN D 42 26.74 -21.81 -20.83
C GLN D 42 26.75 -21.05 -19.50
N VAL D 43 25.59 -20.92 -18.87
CA VAL D 43 25.55 -20.21 -17.58
C VAL D 43 26.24 -21.05 -16.51
N VAL D 44 26.01 -22.36 -16.53
CA VAL D 44 26.70 -23.25 -15.61
C VAL D 44 28.22 -23.06 -15.73
N GLN D 45 28.71 -23.01 -16.96
CA GLN D 45 30.15 -22.84 -17.16
C GLN D 45 30.64 -21.50 -16.62
N GLU D 46 29.84 -20.45 -16.78
CA GLU D 46 30.23 -19.15 -16.24
C GLU D 46 30.33 -19.17 -14.73
N ILE D 47 29.38 -19.85 -14.07
CA ILE D 47 29.39 -19.93 -12.61
C ILE D 47 30.58 -20.73 -12.12
N GLN D 48 30.87 -21.85 -12.80
CA GLN D 48 32.06 -22.64 -12.45
C GLN D 48 33.32 -21.82 -12.61
N ALA D 49 33.36 -20.97 -13.64
CA ALA D 49 34.55 -20.14 -13.87
C ALA D 49 34.77 -19.16 -12.74
N LEU D 50 33.70 -18.74 -12.06
CA LEU D 50 33.80 -17.86 -10.90
C LEU D 50 34.23 -18.61 -9.65
N GLY D 51 34.42 -19.92 -9.73
CA GLY D 51 34.91 -20.69 -8.61
C GLY D 51 33.84 -21.36 -7.76
N GLN D 52 32.60 -21.42 -8.23
CA GLN D 52 31.53 -22.08 -7.51
C GLN D 52 31.13 -23.36 -8.23
N ASN D 53 30.30 -24.17 -7.57
CA ASN D 53 29.76 -25.37 -8.19
C ASN D 53 28.44 -25.05 -8.87
N SER D 54 28.19 -25.71 -9.99
CA SER D 54 26.94 -25.48 -10.71
C SER D 54 26.60 -26.67 -11.60
N HIS D 55 25.31 -26.84 -11.82
CA HIS D 55 24.75 -27.74 -12.83
C HIS D 55 23.37 -27.21 -13.14
N TYR D 56 22.74 -27.77 -14.17
CA TYR D 56 21.41 -27.29 -14.54
C TYR D 56 20.38 -28.39 -14.38
N LEU D 57 19.13 -27.95 -14.20
CA LEU D 57 17.96 -28.82 -14.18
C LEU D 57 17.01 -28.34 -15.28
N MET D 58 16.38 -29.28 -15.97
CA MET D 58 15.45 -28.96 -17.05
C MET D 58 14.06 -29.43 -16.66
N PHE D 59 13.11 -28.51 -16.57
CA PHE D 59 11.72 -28.90 -16.39
C PHE D 59 10.80 -27.73 -16.67
N ASP D 60 9.54 -28.06 -17.02
CA ASP D 60 8.45 -27.09 -17.07
C ASP D 60 7.87 -26.95 -15.67
N VAL D 61 7.87 -25.74 -15.12
CA VAL D 61 7.43 -25.57 -13.72
C VAL D 61 5.97 -25.99 -13.54
N ASN D 62 5.19 -26.04 -14.62
CA ASN D 62 3.81 -26.50 -14.56
C ASN D 62 3.65 -28.01 -14.43
N GLU D 63 4.72 -28.78 -14.63
CA GLU D 63 4.64 -30.25 -14.62
C GLU D 63 4.88 -30.75 -13.20
N ARG D 64 3.79 -30.74 -12.41
CA ARG D 64 3.89 -30.89 -10.96
C ARG D 64 4.63 -32.15 -10.55
N GLN D 65 4.25 -33.31 -11.13
CA GLN D 65 4.87 -34.56 -10.70
C GLN D 65 6.32 -34.68 -11.18
N THR D 66 6.59 -34.21 -12.40
CA THR D 66 7.95 -34.24 -12.92
C THR D 66 8.87 -33.32 -12.12
N VAL D 67 8.37 -32.13 -11.77
CA VAL D 67 9.17 -31.20 -10.97
C VAL D 67 9.51 -31.82 -9.62
N GLN D 68 8.52 -32.46 -8.98
CA GLN D 68 8.75 -33.10 -7.69
C GLN D 68 9.84 -34.16 -7.79
N GLN D 69 9.76 -35.03 -8.80
CA GLN D 69 10.75 -36.11 -8.96
C GLN D 69 12.15 -35.54 -9.18
N ILE D 70 12.28 -34.55 -10.06
CA ILE D 70 13.58 -33.99 -10.37
C ILE D 70 14.19 -33.32 -9.15
N LEU D 71 13.40 -32.53 -8.43
CA LEU D 71 13.94 -31.82 -7.28
C LEU D 71 14.27 -32.77 -6.14
N GLU D 72 13.43 -33.81 -5.94
CA GLU D 72 13.72 -34.80 -4.91
C GLU D 72 15.06 -35.47 -5.17
N GLN D 73 15.28 -35.89 -6.41
CA GLN D 73 16.53 -36.53 -6.77
C GLN D 73 17.71 -35.56 -6.66
N ASP D 74 17.50 -34.30 -7.05
CA ASP D 74 18.58 -33.33 -6.99
C ASP D 74 19.01 -33.06 -5.55
N VAL D 75 18.02 -32.97 -4.63
CA VAL D 75 18.33 -32.74 -3.22
C VAL D 75 19.00 -33.98 -2.62
N GLU D 76 18.58 -35.16 -3.05
CA GLU D 76 19.24 -36.38 -2.57
C GLU D 76 20.70 -36.42 -2.99
N GLN D 77 21.00 -36.01 -4.23
CA GLN D 77 22.37 -36.05 -4.74
C GLN D 77 23.23 -34.89 -4.23
N HIS D 78 22.65 -33.71 -4.03
CA HIS D 78 23.44 -32.50 -3.77
C HIS D 78 23.08 -31.77 -2.49
N GLY D 79 22.12 -32.26 -1.70
CA GLY D 79 21.72 -31.59 -0.49
C GLY D 79 20.61 -30.58 -0.72
N GLY D 80 19.99 -30.15 0.37
CA GLY D 80 18.92 -29.18 0.28
C GLY D 80 19.40 -27.83 -0.23
N PHE D 81 18.47 -27.08 -0.81
CA PHE D 81 18.76 -25.72 -1.25
C PHE D 81 18.61 -24.76 -0.08
N TYR D 82 19.62 -23.91 0.09
CA TYR D 82 19.52 -22.81 1.05
C TYR D 82 18.58 -21.72 0.53
N GLY D 83 18.57 -21.51 -0.78
CA GLY D 83 17.78 -20.44 -1.35
C GLY D 83 17.04 -20.93 -2.58
N VAL D 84 15.89 -20.29 -2.84
CA VAL D 84 15.15 -20.52 -4.07
C VAL D 84 14.70 -19.16 -4.59
N VAL D 85 15.01 -18.89 -5.85
CA VAL D 85 14.54 -17.67 -6.52
C VAL D 85 13.57 -18.10 -7.62
N LEU D 86 12.30 -17.74 -7.46
CA LEU D 86 11.25 -18.10 -8.42
C LEU D 86 11.18 -16.98 -9.44
N ASN D 87 11.97 -17.10 -10.49
CA ASN D 87 12.07 -16.04 -11.49
C ASN D 87 11.25 -16.32 -12.75
N ALA D 88 11.07 -17.58 -13.12
CA ALA D 88 10.38 -17.90 -14.36
C ALA D 88 8.91 -17.47 -14.30
N GLY D 89 8.43 -16.87 -15.40
CA GLY D 89 7.04 -16.46 -15.55
C GLY D 89 6.72 -16.30 -17.02
N LEU D 90 5.49 -15.88 -17.31
CA LEU D 90 4.97 -15.90 -18.68
C LEU D 90 3.86 -14.87 -18.86
N THR D 91 3.84 -14.20 -20.01
CA THR D 91 2.74 -13.33 -20.40
C THR D 91 1.97 -13.90 -21.60
N HIS D 92 0.70 -13.48 -21.70
CA HIS D 92 -0.16 -13.68 -22.89
C HIS D 92 -1.08 -12.45 -22.93
N ASP D 93 -0.55 -11.34 -23.44
CA ASP D 93 -1.25 -10.07 -23.38
C ASP D 93 -2.47 -10.04 -24.31
N GLY D 94 -3.45 -9.22 -23.93
CA GLY D 94 -4.66 -9.05 -24.72
C GLY D 94 -5.78 -8.44 -23.90
N ALA D 95 -6.72 -7.76 -24.56
CA ALA D 95 -7.88 -7.23 -23.85
C ALA D 95 -8.65 -8.39 -23.22
N PHE D 96 -9.22 -8.15 -22.02
CA PHE D 96 -9.79 -9.24 -21.23
C PHE D 96 -10.85 -10.05 -22.00
N PRO D 97 -11.80 -9.45 -22.71
CA PRO D 97 -12.79 -10.28 -23.42
C PRO D 97 -12.20 -11.03 -24.60
N ALA D 98 -11.02 -10.64 -25.07
CA ALA D 98 -10.32 -11.32 -26.16
C ALA D 98 -9.40 -12.45 -25.69
N LEU D 99 -9.10 -12.53 -24.39
CA LEU D 99 -8.20 -13.56 -23.91
C LEU D 99 -8.81 -14.94 -24.16
N THR D 100 -7.98 -15.86 -24.64
CA THR D 100 -8.39 -17.25 -24.79
C THR D 100 -8.19 -18.01 -23.48
N ASP D 101 -8.78 -19.21 -23.41
CA ASP D 101 -8.57 -20.09 -22.27
C ASP D 101 -7.07 -20.30 -22.02
N GLN D 102 -6.31 -20.55 -23.09
CA GLN D 102 -4.87 -20.75 -22.95
C GLN D 102 -4.17 -19.48 -22.48
N ASP D 103 -4.55 -18.31 -23.02
CA ASP D 103 -3.98 -17.05 -22.57
C ASP D 103 -4.11 -16.91 -21.05
N TRP D 104 -5.29 -17.23 -20.53
CA TRP D 104 -5.53 -17.11 -19.09
C TRP D 104 -4.78 -18.19 -18.33
N ASP D 105 -5.01 -19.46 -18.67
CA ASP D 105 -4.57 -20.56 -17.81
C ASP D 105 -3.04 -20.67 -17.77
N GLU D 106 -2.38 -20.52 -18.91
CA GLU D 106 -0.92 -20.66 -18.93
C GLU D 106 -0.25 -19.57 -18.10
N VAL D 107 -0.82 -18.37 -18.10
CA VAL D 107 -0.24 -17.26 -17.34
C VAL D 107 -0.46 -17.47 -15.85
N ILE D 108 -1.69 -17.81 -15.45
CA ILE D 108 -1.98 -18.05 -14.03
C ILE D 108 -1.15 -19.21 -13.51
N SER D 109 -1.13 -20.33 -14.25
CA SER D 109 -0.50 -21.53 -13.72
C SER D 109 1.01 -21.37 -13.62
N THR D 110 1.64 -20.78 -14.64
CA THR D 110 3.10 -20.68 -14.62
C THR D 110 3.60 -19.98 -13.36
N SER D 111 2.91 -18.92 -12.93
CA SER D 111 3.34 -18.20 -11.73
C SER D 111 2.91 -18.93 -10.46
N LEU D 112 1.63 -19.32 -10.35
CA LEU D 112 1.11 -19.83 -9.09
C LEU D 112 1.31 -21.34 -8.94
N ASP D 113 0.96 -22.14 -9.96
CA ASP D 113 1.37 -23.55 -9.94
C ASP D 113 2.88 -23.65 -9.77
N GLY D 114 3.64 -22.80 -10.46
CA GLY D 114 5.09 -22.82 -10.36
C GLY D 114 5.58 -22.64 -8.94
N PHE D 115 4.97 -21.69 -8.21
CA PHE D 115 5.29 -21.46 -6.79
C PHE D 115 5.11 -22.74 -5.97
N TYR D 116 3.92 -23.34 -6.07
CA TYR D 116 3.63 -24.56 -5.32
C TYR D 116 4.50 -25.71 -5.76
N ASN D 117 4.61 -25.93 -7.08
CA ASN D 117 5.29 -27.11 -7.60
C ASN D 117 6.77 -27.10 -7.27
N VAL D 118 7.41 -25.93 -7.31
CA VAL D 118 8.85 -25.85 -7.02
C VAL D 118 9.12 -25.80 -5.52
N LEU D 119 8.32 -25.05 -4.76
CA LEU D 119 8.65 -24.89 -3.33
C LEU D 119 8.18 -26.06 -2.47
N LYS D 120 7.09 -26.74 -2.83
CA LYS D 120 6.62 -27.83 -1.96
C LYS D 120 7.68 -28.90 -1.71
N PRO D 121 8.43 -29.39 -2.71
CA PRO D 121 9.46 -30.40 -2.42
C PRO D 121 10.69 -29.86 -1.71
N LEU D 122 10.84 -28.54 -1.60
CA LEU D 122 12.09 -27.94 -1.14
C LEU D 122 12.00 -27.31 0.25
N ILE D 123 10.81 -27.15 0.83
CA ILE D 123 10.70 -26.48 2.12
C ILE D 123 11.38 -27.30 3.21
N MET D 124 11.11 -28.60 3.27
CA MET D 124 11.70 -29.39 4.35
C MET D 124 13.21 -29.56 4.16
N PRO D 125 13.71 -29.82 2.95
CA PRO D 125 15.18 -29.85 2.79
C PRO D 125 15.84 -28.53 3.16
N MET D 126 15.17 -27.40 2.96
CA MET D 126 15.73 -26.12 3.40
C MET D 126 15.77 -26.04 4.92
N ILE D 127 14.65 -26.34 5.58
CA ILE D 127 14.58 -26.34 7.04
C ILE D 127 15.63 -27.28 7.64
N HIS D 128 15.86 -28.43 7.02
CA HIS D 128 16.79 -29.41 7.59
C HIS D 128 18.25 -28.96 7.51
N LEU D 129 18.56 -27.93 6.73
CA LEU D 129 19.91 -27.36 6.78
C LEU D 129 20.23 -26.72 8.12
N ARG D 130 19.21 -26.35 8.90
CA ARG D 130 19.38 -25.71 10.21
C ARG D 130 20.30 -24.49 10.11
N LYS D 131 20.11 -23.68 9.07
CA LYS D 131 20.88 -22.44 8.95
C LYS D 131 20.06 -21.32 8.32
N GLY D 132 18.74 -21.31 8.54
CA GLY D 132 17.90 -20.31 7.89
C GLY D 132 17.79 -20.58 6.39
N GLY D 133 17.43 -19.54 5.65
CA GLY D 133 17.22 -19.72 4.24
C GLY D 133 16.68 -18.44 3.61
N ARG D 134 16.49 -18.51 2.29
CA ARG D 134 16.11 -17.34 1.50
C ARG D 134 15.17 -17.80 0.39
N ILE D 135 14.01 -17.16 0.28
CA ILE D 135 13.09 -17.39 -0.84
C ILE D 135 12.75 -16.02 -1.40
N VAL D 136 12.95 -15.83 -2.70
CA VAL D 136 12.62 -14.58 -3.37
C VAL D 136 11.79 -14.91 -4.60
N THR D 137 10.62 -14.28 -4.71
CA THR D 137 9.79 -14.44 -5.88
C THR D 137 9.94 -13.21 -6.75
N LEU D 138 9.76 -13.38 -8.06
CA LEU D 138 9.77 -12.26 -8.99
C LEU D 138 8.33 -11.97 -9.40
N SER D 139 7.82 -10.80 -8.98
CA SER D 139 6.51 -10.35 -9.40
C SER D 139 6.68 -9.29 -10.50
N SER D 140 5.89 -8.23 -10.46
CA SER D 140 5.86 -7.22 -11.50
C SER D 140 5.10 -6.00 -10.98
N VAL D 141 5.47 -4.83 -11.49
CA VAL D 141 4.67 -3.64 -11.23
C VAL D 141 3.21 -3.90 -11.60
N SER D 142 2.96 -4.76 -12.59
CA SER D 142 1.60 -5.10 -12.98
C SER D 142 0.85 -5.82 -11.87
N GLY D 143 1.55 -6.62 -11.07
CA GLY D 143 0.92 -7.27 -9.93
C GLY D 143 0.54 -6.30 -8.83
N ILE D 144 1.20 -5.15 -8.76
CA ILE D 144 0.88 -4.17 -7.72
C ILE D 144 -0.26 -3.26 -8.16
N MET D 145 -0.22 -2.80 -9.42
CA MET D 145 -1.08 -1.72 -9.90
C MET D 145 -2.12 -2.17 -10.90
N GLY D 146 -1.95 -3.32 -11.53
CA GLY D 146 -2.70 -3.67 -12.72
C GLY D 146 -2.18 -2.99 -13.97
N ASN D 147 -2.51 -3.58 -15.12
CA ASN D 147 -2.08 -3.03 -16.40
C ASN D 147 -3.07 -3.46 -17.49
N ARG D 148 -3.46 -2.52 -18.35
CA ARG D 148 -4.33 -2.81 -19.48
C ARG D 148 -3.74 -3.92 -20.35
N GLY D 149 -4.59 -4.81 -20.82
CA GLY D 149 -4.13 -5.92 -21.62
C GLY D 149 -3.45 -7.02 -20.83
N GLN D 150 -3.48 -6.95 -19.51
CA GLN D 150 -2.76 -7.88 -18.65
C GLN D 150 -3.57 -8.24 -17.43
N VAL D 151 -4.89 -8.43 -17.59
CA VAL D 151 -5.67 -8.90 -16.46
C VAL D 151 -5.13 -10.24 -15.96
N ASN D 152 -4.74 -11.13 -16.88
CA ASN D 152 -4.20 -12.42 -16.47
C ASN D 152 -2.84 -12.27 -15.79
N TYR D 153 -1.93 -11.51 -16.41
CA TYR D 153 -0.60 -11.34 -15.83
C TYR D 153 -0.65 -10.56 -14.52
N SER D 154 -1.52 -9.54 -14.44
CA SER D 154 -1.65 -8.79 -13.19
C SER D 154 -2.16 -9.69 -12.08
N ALA D 155 -3.11 -10.57 -12.40
CA ALA D 155 -3.63 -11.51 -11.40
C ALA D 155 -2.56 -12.48 -10.95
N ALA D 156 -1.81 -13.04 -11.90
CA ALA D 156 -0.80 -14.04 -11.56
C ALA D 156 0.30 -13.43 -10.70
N LYS D 157 0.76 -12.22 -11.06
CA LYS D 157 1.87 -11.61 -10.33
C LYS D 157 1.40 -11.02 -9.00
N ALA D 158 0.14 -10.61 -8.91
CA ALA D 158 -0.41 -10.20 -7.62
C ALA D 158 -0.59 -11.40 -6.70
N GLY D 159 -1.04 -12.52 -7.26
CA GLY D 159 -1.15 -13.73 -6.46
C GLY D 159 0.18 -14.16 -5.87
N LEU D 160 1.25 -13.97 -6.63
CA LEU D 160 2.59 -14.30 -6.13
C LEU D 160 2.95 -13.46 -4.91
N ILE D 161 2.52 -12.20 -4.89
CA ILE D 161 2.76 -11.34 -3.73
C ILE D 161 2.07 -11.90 -2.49
N GLY D 162 0.78 -12.26 -2.63
CA GLY D 162 0.07 -12.81 -1.49
C GLY D 162 0.66 -14.12 -0.99
N ALA D 163 1.07 -14.99 -1.92
CA ALA D 163 1.72 -16.23 -1.53
C ALA D 163 3.02 -15.96 -0.78
N THR D 164 3.82 -15.01 -1.28
CA THR D 164 5.08 -14.66 -0.65
C THR D 164 4.88 -14.18 0.79
N LYS D 165 3.94 -13.25 1.00
CA LYS D 165 3.74 -12.70 2.33
C LYS D 165 3.27 -13.77 3.31
N ALA D 166 2.34 -14.62 2.88
CA ALA D 166 1.84 -15.68 3.75
C ALA D 166 2.96 -16.65 4.13
N LEU D 167 3.76 -17.05 3.14
CA LEU D 167 4.84 -18.00 3.42
C LEU D 167 5.91 -17.39 4.31
N ALA D 168 6.19 -16.09 4.16
CA ALA D 168 7.10 -15.41 5.08
C ALA D 168 6.66 -15.61 6.53
N LEU D 169 5.35 -15.49 6.78
CA LEU D 169 4.85 -15.66 8.14
C LEU D 169 5.08 -17.08 8.64
N GLU D 170 4.91 -18.07 7.76
CA GLU D 170 5.04 -19.45 8.22
C GLU D 170 6.50 -19.82 8.50
N LEU D 171 7.44 -19.29 7.72
CA LEU D 171 8.83 -19.73 7.82
C LEU D 171 9.70 -18.82 8.67
N ALA D 172 9.15 -17.73 9.21
CA ALA D 172 9.95 -16.79 9.99
C ALA D 172 10.60 -17.46 11.20
N LYS D 173 9.89 -18.38 11.85
CA LYS D 173 10.43 -19.06 13.03
C LYS D 173 11.70 -19.83 12.70
N ARG D 174 11.84 -20.31 11.47
CA ARG D 174 13.01 -21.04 11.04
C ARG D 174 14.09 -20.15 10.42
N LYS D 175 13.94 -18.83 10.52
CA LYS D 175 14.94 -17.86 10.02
C LYS D 175 15.10 -17.94 8.50
N ILE D 176 14.03 -18.34 7.82
CA ILE D 176 13.96 -18.28 6.37
C ILE D 176 13.18 -17.01 6.02
N THR D 177 13.84 -16.04 5.38
CA THR D 177 13.12 -14.86 4.92
C THR D 177 12.48 -15.14 3.57
N VAL D 178 11.33 -14.51 3.33
CA VAL D 178 10.57 -14.72 2.10
C VAL D 178 10.14 -13.35 1.59
N ASN D 179 10.61 -12.97 0.41
CA ASN D 179 10.42 -11.63 -0.10
C ASN D 179 10.11 -11.69 -1.59
N CYS D 180 9.62 -10.58 -2.11
CA CYS D 180 9.25 -10.47 -3.51
C CYS D 180 9.94 -9.26 -4.12
N VAL D 181 10.46 -9.41 -5.34
CA VAL D 181 11.02 -8.30 -6.09
C VAL D 181 10.12 -8.04 -7.29
N ALA D 182 9.65 -6.80 -7.43
CA ALA D 182 8.69 -6.47 -8.49
C ALA D 182 9.33 -5.52 -9.50
N PRO D 183 9.88 -6.03 -10.61
CA PRO D 183 10.48 -5.14 -11.61
C PRO D 183 9.43 -4.33 -12.34
N GLY D 184 9.85 -3.16 -12.82
CA GLY D 184 9.06 -2.39 -13.75
C GLY D 184 9.34 -2.85 -15.17
N LEU D 185 9.64 -1.89 -16.06
CA LEU D 185 9.96 -2.20 -17.44
C LEU D 185 11.46 -2.43 -17.59
N ILE D 186 11.84 -3.65 -17.94
CA ILE D 186 13.24 -4.07 -18.01
C ILE D 186 13.58 -4.39 -19.46
N GLU D 187 14.85 -4.15 -19.81
CA GLU D 187 15.31 -4.22 -21.20
C GLU D 187 14.98 -5.54 -21.89
N THR D 188 15.01 -6.65 -21.17
CA THR D 188 14.66 -7.95 -21.75
C THR D 188 13.17 -8.09 -21.90
N ALA D 199 5.85 4.30 -22.87
CA ALA D 199 6.07 3.79 -21.52
C ALA D 199 7.19 4.55 -20.80
N LEU D 200 8.24 4.92 -21.55
CA LEU D 200 9.40 5.57 -20.94
C LEU D 200 9.04 6.90 -20.31
N LYS D 201 8.07 7.61 -20.87
CA LYS D 201 7.68 8.92 -20.36
C LYS D 201 6.72 8.82 -19.19
N MET D 202 6.35 7.61 -18.78
CA MET D 202 5.76 7.38 -17.46
C MET D 202 6.81 7.02 -16.41
N ILE D 203 8.03 6.69 -16.82
CA ILE D 203 9.08 6.26 -15.90
C ILE D 203 9.89 7.49 -15.51
N PRO D 204 9.94 7.86 -14.23
CA PRO D 204 10.71 9.06 -13.83
C PRO D 204 12.17 9.02 -14.24
N LEU D 205 12.84 7.87 -14.13
CA LEU D 205 14.23 7.79 -14.56
C LEU D 205 14.39 7.83 -16.07
N GLN D 206 13.28 7.77 -16.82
CA GLN D 206 13.26 8.03 -18.26
C GLN D 206 14.00 6.97 -19.08
N ARG D 207 14.00 5.73 -18.60
CA ARG D 207 14.68 4.65 -19.30
C ARG D 207 14.18 3.33 -18.75
N MET D 208 14.39 2.27 -19.53
CA MET D 208 14.17 0.94 -19.02
C MET D 208 15.27 0.55 -18.05
N GLY D 209 14.95 -0.38 -17.14
CA GLY D 209 15.96 -0.92 -16.25
C GLY D 209 16.81 -1.96 -16.93
N GLN D 210 18.02 -2.16 -16.41
CA GLN D 210 18.92 -3.20 -16.89
C GLN D 210 18.78 -4.45 -16.02
N VAL D 211 19.11 -5.61 -16.60
CA VAL D 211 18.86 -6.86 -15.89
C VAL D 211 19.62 -6.89 -14.57
N ASP D 212 20.82 -6.31 -14.53
CA ASP D 212 21.61 -6.31 -13.30
C ASP D 212 20.99 -5.41 -12.23
N GLU D 213 20.23 -4.41 -12.63
CA GLU D 213 19.58 -3.53 -11.65
C GLU D 213 18.47 -4.27 -10.92
N VAL D 214 17.88 -5.28 -11.55
CA VAL D 214 16.94 -6.16 -10.86
C VAL D 214 17.70 -7.21 -10.06
N ALA D 215 18.71 -7.84 -10.69
CA ALA D 215 19.45 -8.91 -10.02
C ALA D 215 20.12 -8.42 -8.74
N SER D 216 20.59 -7.16 -8.72
CA SER D 216 21.25 -6.64 -7.53
C SER D 216 20.34 -6.65 -6.30
N VAL D 217 19.05 -6.34 -6.49
CA VAL D 217 18.10 -6.39 -5.37
C VAL D 217 17.89 -7.82 -4.90
N VAL D 218 17.74 -8.76 -5.83
CA VAL D 218 17.60 -10.16 -5.45
C VAL D 218 18.84 -10.63 -4.69
N LYS D 219 20.02 -10.26 -5.19
CA LYS D 219 21.26 -10.63 -4.53
C LYS D 219 21.33 -10.05 -3.11
N PHE D 220 20.96 -8.78 -2.94
CA PHE D 220 20.96 -8.22 -1.59
C PHE D 220 20.04 -9.01 -0.66
N LEU D 221 18.82 -9.31 -1.12
CA LEU D 221 17.88 -10.02 -0.27
C LEU D 221 18.39 -11.40 0.11
N CYS D 222 19.13 -12.05 -0.80
CA CYS D 222 19.69 -13.37 -0.49
C CYS D 222 20.91 -13.29 0.43
N SER D 223 21.45 -12.10 0.67
CA SER D 223 22.64 -11.97 1.50
C SER D 223 22.29 -12.07 2.99
N ASP D 224 23.33 -12.39 3.79
CA ASP D 224 23.14 -12.46 5.23
C ASP D 224 22.77 -11.11 5.81
N GLU D 225 23.18 -10.03 5.14
CA GLU D 225 22.90 -8.68 5.61
C GLU D 225 21.40 -8.39 5.65
N ALA D 226 20.62 -9.06 4.80
CA ALA D 226 19.20 -8.79 4.68
C ALA D 226 18.37 -9.61 5.67
N SER D 227 18.94 -9.97 6.83
CA SER D 227 18.31 -10.94 7.72
C SER D 227 17.05 -10.42 8.41
N TYR D 228 16.85 -9.11 8.50
CA TYR D 228 15.64 -8.59 9.13
C TYR D 228 14.58 -8.15 8.13
N VAL D 229 14.77 -8.46 6.85
CA VAL D 229 13.81 -8.14 5.81
C VAL D 229 13.05 -9.40 5.45
N THR D 230 11.74 -9.42 5.71
CA THR D 230 10.91 -10.54 5.27
C THR D 230 9.48 -10.03 5.13
N ARG D 231 8.70 -10.72 4.29
CA ARG D 231 7.31 -10.36 4.01
C ARG D 231 7.19 -9.14 3.08
N GLN D 232 8.26 -8.74 2.40
CA GLN D 232 8.30 -7.47 1.69
C GLN D 232 8.19 -7.66 0.18
N VAL D 233 7.64 -6.64 -0.48
CA VAL D 233 7.64 -6.49 -1.93
C VAL D 233 8.52 -5.28 -2.25
N ILE D 234 9.64 -5.49 -2.90
CA ILE D 234 10.57 -4.41 -3.22
C ILE D 234 10.45 -4.13 -4.70
N SER D 235 10.03 -2.91 -5.05
CA SER D 235 9.82 -2.52 -6.43
C SER D 235 11.12 -1.96 -7.00
N VAL D 236 11.49 -2.43 -8.18
CA VAL D 236 12.68 -1.93 -8.88
C VAL D 236 12.20 -1.47 -10.26
N ASN D 237 11.77 -0.20 -10.32
CA ASN D 237 10.92 0.23 -11.43
C ASN D 237 11.21 1.65 -11.88
N GLY D 238 12.34 2.23 -11.48
CA GLY D 238 12.70 3.55 -11.94
C GLY D 238 11.78 4.65 -11.47
N GLY D 239 10.96 4.40 -10.45
CA GLY D 239 10.04 5.38 -9.91
C GLY D 239 8.62 5.28 -10.44
N LEU D 240 8.32 4.28 -11.28
CA LEU D 240 6.99 4.15 -11.88
C LEU D 240 5.89 4.24 -10.83
N ILE D 241 6.06 3.55 -9.71
CA ILE D 241 5.14 3.64 -8.58
C ILE D 241 5.91 3.35 -7.30
#